data_2GTP
#
_entry.id   2GTP
#
_cell.length_a   90.451
_cell.length_b   102.904
_cell.length_c   128.761
_cell.angle_alpha   90.00
_cell.angle_beta   90.00
_cell.angle_gamma   90.00
#
_symmetry.space_group_name_H-M   'P 21 21 21'
#
loop_
_entity.id
_entity.type
_entity.pdbx_description
1 polymer 'Guanine nucleotide-binding protein G(i), alpha-1 subunit'
2 polymer 'Regulator of G-protein signaling 1'
3 non-polymer 'TETRAFLUOROALUMINATE ION'
4 non-polymer 'MAGNESIUM ION'
5 non-polymer "GUANOSINE-5'-DIPHOSPHATE"
6 water water
#
loop_
_entity_poly.entity_id
_entity_poly.type
_entity_poly.pdbx_seq_one_letter_code
_entity_poly.pdbx_strand_id
1 'polypeptide(L)'
;REVKLLLLGAGESGKSTIVKQMKIIHEAGYSEEECKQYKAVVYSNTIQSIIAIIRAMGRLKIDFGDSARADDARQLFVLA
GAAEEGFMTAELAGVIKRLWKDSGVQACFNRSREYQLNDSAAYYLNDLDRIAQPNYIPTQQDVLRTRVKTTGIVETHFTF
KDLHFKMFDVGGQRSERKKWIHCFEGVTAIIFCVALSDYDLVLAEDEEMNRMHESMKLFDSICNNKWFTDTSIILFLNKK
DLFEEKIKKSPLTICYPEYAGSNTYEEAAAYIQCQFEDLNKRKDTKEIYTHFTCATDTKNVQFVFDAVTDVIIKNNLKDC
GLF
;
A,B
2 'polypeptide(L)'
;SMSGMKSSKSKDVLSAAEVMQWSQSLEKLLANQTGQNVFGSFLKSEFSEENIEFWLACEDYKKTESDLLPCKAEEIYKAF
VHSDAAKQINIDFRTRESTAKKIKAPTPTCFDEAQKVIYTLMEKDSYPRFLKSDIYLNLLNDLQA
;
C,D
#
# COMPACT_ATOMS: atom_id res chain seq x y z
N ARG A 1 26.28 5.68 35.77
CA ARG A 1 26.19 4.23 35.41
C ARG A 1 26.37 3.99 33.89
N GLU A 2 27.50 4.44 33.36
CA GLU A 2 27.78 4.33 31.93
C GLU A 2 28.41 2.98 31.54
N VAL A 3 28.10 2.49 30.35
CA VAL A 3 28.73 1.27 29.82
C VAL A 3 29.37 1.58 28.47
N LYS A 4 30.68 1.47 28.39
CA LYS A 4 31.37 1.69 27.11
C LYS A 4 31.49 0.35 26.40
N LEU A 5 30.81 0.25 25.27
CA LEU A 5 30.64 -0.99 24.53
C LEU A 5 31.27 -0.86 23.16
N LEU A 6 32.13 -1.83 22.83
CA LEU A 6 32.75 -1.88 21.52
C LEU A 6 32.19 -3.05 20.70
N LEU A 7 31.72 -2.72 19.49
CA LEU A 7 31.38 -3.72 18.53
C LEU A 7 32.58 -3.90 17.60
N LEU A 8 33.27 -5.03 17.74
CA LEU A 8 34.48 -5.32 16.97
C LEU A 8 34.32 -6.66 16.27
N GLY A 9 35.18 -6.88 15.32
CA GLY A 9 35.16 -8.09 14.49
C GLY A 9 35.73 -7.73 13.13
N ALA A 10 36.10 -8.72 12.33
CA ALA A 10 36.56 -8.48 10.93
C ALA A 10 35.45 -7.95 10.00
N GLY A 11 35.86 -7.49 8.82
CA GLY A 11 34.94 -7.01 7.81
C GLY A 11 33.78 -7.98 7.59
N GLU A 12 32.56 -7.45 7.53
CA GLU A 12 31.37 -8.25 7.20
C GLU A 12 30.99 -9.34 8.21
N SER A 13 31.32 -9.15 9.48
CA SER A 13 31.01 -10.14 10.49
C SER A 13 29.65 -9.88 11.17
N GLY A 14 29.10 -8.68 11.00
CA GLY A 14 27.72 -8.37 11.44
C GLY A 14 27.57 -7.26 12.45
N LYS A 15 28.61 -6.45 12.62
CA LYS A 15 28.67 -5.47 13.68
C LYS A 15 27.58 -4.43 13.46
N SER A 16 27.50 -3.88 12.25
CA SER A 16 26.49 -2.86 11.94
C SER A 16 25.07 -3.41 12.05
N THR A 17 24.89 -4.70 11.78
CA THR A 17 23.58 -5.30 11.92
C THR A 17 23.16 -5.35 13.40
N ILE A 18 24.09 -5.68 14.31
CA ILE A 18 23.76 -5.62 15.73
C ILE A 18 23.42 -4.21 16.14
N VAL A 19 24.15 -3.23 15.60
CA VAL A 19 23.85 -1.83 15.90
C VAL A 19 22.40 -1.54 15.47
N LYS A 20 22.01 -1.98 14.28
CA LYS A 20 20.61 -1.83 13.84
C LYS A 20 19.64 -2.47 14.83
N GLN A 21 19.94 -3.68 15.30
CA GLN A 21 19.06 -4.32 16.30
C GLN A 21 18.96 -3.48 17.58
N MET A 22 20.05 -2.88 18.00
CA MET A 22 19.99 -1.98 19.14
C MET A 22 19.01 -0.83 18.94
N LYS A 23 18.98 -0.24 17.74
CA LYS A 23 17.96 0.80 17.42
C LYS A 23 16.54 0.22 17.49
N ILE A 24 16.34 -0.98 16.97
CA ILE A 24 15.03 -1.62 16.98
C ILE A 24 14.55 -1.98 18.41
N ILE A 25 15.38 -2.67 19.16
CA ILE A 25 14.95 -3.19 20.46
C ILE A 25 14.81 -2.05 21.48
N HIS A 26 15.81 -1.18 21.54
CA HIS A 26 15.90 -0.18 22.60
C HIS A 26 15.36 1.19 22.21
N GLU A 27 15.40 1.55 20.93
CA GLU A 27 14.91 2.86 20.47
C GLU A 27 13.69 2.72 19.56
N ALA A 28 12.94 1.63 19.73
CA ALA A 28 11.63 1.50 19.12
C ALA A 28 11.55 1.55 17.59
N GLY A 29 12.11 0.56 16.91
CA GLY A 29 11.69 0.20 15.55
C GLY A 29 12.07 1.14 14.39
N TYR A 30 11.83 0.68 13.16
CA TYR A 30 12.03 1.49 11.96
C TYR A 30 10.66 1.89 11.44
N SER A 31 10.44 3.18 11.24
CA SER A 31 9.15 3.64 10.75
C SER A 31 9.03 3.38 9.24
N GLU A 32 7.85 3.65 8.70
CA GLU A 32 7.60 3.48 7.28
C GLU A 32 8.47 4.44 6.46
N GLU A 33 8.60 5.70 6.91
CA GLU A 33 9.41 6.68 6.18
C GLU A 33 10.88 6.33 6.22
N GLU A 34 11.37 5.80 7.35
CA GLU A 34 12.77 5.37 7.48
C GLU A 34 13.08 4.18 6.59
N CYS A 35 12.13 3.24 6.57
CA CYS A 35 12.23 2.06 5.70
C CYS A 35 12.31 2.41 4.25
N LYS A 36 11.58 3.44 3.83
CA LYS A 36 11.52 3.82 2.42
C LYS A 36 12.86 4.42 1.97
N GLN A 37 13.65 4.94 2.90
CA GLN A 37 14.99 5.46 2.61
C GLN A 37 15.99 4.35 2.31
N TYR A 38 15.64 3.12 2.69
CA TYR A 38 16.48 1.94 2.42
C TYR A 38 16.16 1.23 1.10
N LYS A 39 15.11 1.67 0.41
CA LYS A 39 14.76 1.11 -0.91
C LYS A 39 15.97 1.11 -1.85
N ALA A 40 16.56 2.28 -2.05
CA ALA A 40 17.73 2.46 -2.90
C ALA A 40 18.88 1.51 -2.53
N VAL A 41 19.07 1.28 -1.22
CA VAL A 41 20.12 0.36 -0.75
C VAL A 41 19.83 -1.09 -1.13
N VAL A 42 18.61 -1.53 -0.87
CA VAL A 42 18.17 -2.85 -1.30
C VAL A 42 18.38 -3.05 -2.80
N TYR A 43 17.98 -2.06 -3.61
CA TYR A 43 18.17 -2.15 -5.06
C TYR A 43 19.64 -2.21 -5.41
N SER A 44 20.43 -1.31 -4.87
CA SER A 44 21.87 -1.30 -5.06
C SER A 44 22.52 -2.66 -4.70
N ASN A 45 22.09 -3.24 -3.56
CA ASN A 45 22.58 -4.57 -3.13
C ASN A 45 22.23 -5.68 -4.12
N THR A 46 20.96 -5.72 -4.50
CA THR A 46 20.48 -6.72 -5.43
C THR A 46 21.25 -6.59 -6.75
N ILE A 47 21.36 -5.38 -7.25
CA ILE A 47 21.99 -5.14 -8.54
C ILE A 47 23.49 -5.44 -8.52
N GLN A 48 24.21 -4.95 -7.52
CA GLN A 48 25.64 -5.23 -7.42
C GLN A 48 25.85 -6.74 -7.19
N SER A 49 24.89 -7.43 -6.56
CA SER A 49 24.97 -8.89 -6.33
C SER A 49 24.89 -9.75 -7.61
N ILE A 50 23.86 -9.53 -8.44
CA ILE A 50 23.73 -10.28 -9.69
C ILE A 50 24.88 -9.93 -10.67
N ILE A 51 25.31 -8.67 -10.67
CA ILE A 51 26.51 -8.27 -11.43
C ILE A 51 27.74 -9.04 -10.98
N ALA A 52 27.98 -9.16 -9.68
CA ALA A 52 29.12 -9.92 -9.18
C ALA A 52 29.12 -11.38 -9.66
N ILE A 53 27.96 -12.03 -9.67
CA ILE A 53 27.86 -13.42 -10.13
C ILE A 53 28.20 -13.48 -11.63
N ILE A 54 27.62 -12.57 -12.40
CA ILE A 54 27.84 -12.57 -13.87
C ILE A 54 29.31 -12.31 -14.26
N ARG A 55 29.97 -11.41 -13.56
CA ARG A 55 31.39 -11.15 -13.77
C ARG A 55 32.24 -12.36 -13.37
N ALA A 56 31.87 -13.04 -12.28
CA ALA A 56 32.55 -14.27 -11.91
C ALA A 56 32.50 -15.29 -13.08
N MET A 57 31.35 -15.43 -13.69
CA MET A 57 31.18 -16.35 -14.81
C MET A 57 32.23 -16.16 -15.94
N GLY A 58 32.51 -14.91 -16.25
CA GLY A 58 33.54 -14.55 -17.23
C GLY A 58 34.92 -15.01 -16.81
N ARG A 59 35.25 -14.79 -15.54
CA ARG A 59 36.57 -15.13 -15.03
C ARG A 59 36.73 -16.65 -14.80
N LEU A 60 35.67 -17.32 -14.33
CA LEU A 60 35.67 -18.77 -14.04
C LEU A 60 35.34 -19.60 -15.28
N LYS A 61 35.00 -18.92 -16.36
CA LYS A 61 34.54 -19.52 -17.63
C LYS A 61 33.41 -20.55 -17.46
N ILE A 62 32.32 -20.10 -16.82
CA ILE A 62 31.11 -20.88 -16.66
C ILE A 62 30.13 -20.48 -17.75
N ASP A 63 29.54 -21.46 -18.44
CA ASP A 63 28.56 -21.14 -19.50
C ASP A 63 27.21 -20.85 -18.87
N PHE A 64 26.41 -20.07 -19.59
CA PHE A 64 24.99 -19.91 -19.29
C PHE A 64 24.30 -21.23 -19.65
N GLY A 65 23.25 -21.58 -18.90
CA GLY A 65 22.42 -22.73 -19.25
C GLY A 65 21.86 -22.51 -20.65
N ASP A 66 21.32 -21.31 -20.88
CA ASP A 66 20.71 -20.92 -22.13
C ASP A 66 21.45 -19.70 -22.65
N SER A 67 21.91 -19.77 -23.89
CA SER A 67 22.72 -18.69 -24.46
C SER A 67 21.97 -17.37 -24.75
N ALA A 68 20.64 -17.37 -24.71
CA ALA A 68 19.87 -16.12 -24.81
C ALA A 68 20.16 -15.22 -23.58
N ARG A 69 20.64 -15.80 -22.50
CA ARG A 69 21.01 -15.04 -21.30
C ARG A 69 22.19 -14.09 -21.53
N ALA A 70 22.96 -14.33 -22.58
CA ALA A 70 24.10 -13.47 -22.94
C ALA A 70 23.62 -12.05 -23.19
N ASP A 71 22.54 -11.90 -23.96
CA ASP A 71 21.99 -10.57 -24.17
C ASP A 71 21.39 -9.95 -22.89
N ASP A 72 20.81 -10.77 -22.01
CA ASP A 72 20.34 -10.27 -20.72
C ASP A 72 21.51 -9.74 -19.90
N ALA A 73 22.64 -10.42 -19.95
CA ALA A 73 23.81 -10.03 -19.15
C ALA A 73 24.38 -8.70 -19.65
N ARG A 74 24.36 -8.51 -20.96
CA ARG A 74 24.85 -7.29 -21.55
C ARG A 74 23.92 -6.13 -21.14
N GLN A 75 22.63 -6.37 -21.30
CA GLN A 75 21.58 -5.44 -20.89
C GLN A 75 21.76 -5.10 -19.39
N LEU A 76 22.00 -6.10 -18.55
CA LEU A 76 22.25 -5.83 -17.12
C LEU A 76 23.33 -4.79 -16.91
N PHE A 77 24.49 -4.95 -17.57
CA PHE A 77 25.59 -4.00 -17.41
C PHE A 77 25.21 -2.60 -17.90
N VAL A 78 24.49 -2.50 -19.01
CA VAL A 78 24.16 -1.17 -19.54
C VAL A 78 23.09 -0.55 -18.64
N LEU A 79 22.09 -1.32 -18.27
CA LEU A 79 21.03 -0.80 -17.42
C LEU A 79 21.59 -0.33 -16.10
N ALA A 80 22.43 -1.16 -15.46
CA ALA A 80 22.98 -0.86 -14.11
C ALA A 80 24.04 0.24 -14.05
N MET A 88 14.19 0.72 -9.69
CA MET A 88 14.36 -0.48 -10.51
C MET A 88 13.27 -0.54 -11.54
N THR A 89 13.62 -0.60 -12.82
CA THR A 89 12.60 -0.76 -13.88
C THR A 89 12.05 -2.17 -13.97
N ALA A 90 10.90 -2.28 -14.65
CA ALA A 90 10.31 -3.57 -14.95
C ALA A 90 11.23 -4.33 -15.91
N GLU A 91 11.85 -3.61 -16.84
CA GLU A 91 12.81 -4.19 -17.75
C GLU A 91 14.03 -4.74 -17.00
N LEU A 92 14.59 -3.96 -16.09
CA LEU A 92 15.76 -4.41 -15.35
C LEU A 92 15.36 -5.60 -14.48
N ALA A 93 14.19 -5.51 -13.84
CA ALA A 93 13.67 -6.62 -13.01
C ALA A 93 13.66 -7.92 -13.78
N GLY A 94 13.09 -7.87 -14.97
CA GLY A 94 12.96 -9.05 -15.82
C GLY A 94 14.29 -9.60 -16.29
N VAL A 95 15.24 -8.71 -16.53
CA VAL A 95 16.61 -9.09 -16.81
C VAL A 95 17.19 -9.83 -15.63
N ILE A 96 16.95 -9.33 -14.42
CA ILE A 96 17.57 -9.92 -13.25
C ILE A 96 16.95 -11.28 -12.95
N LYS A 97 15.63 -11.37 -13.09
CA LYS A 97 14.90 -12.64 -12.84
C LYS A 97 15.37 -13.72 -13.78
N ARG A 98 15.60 -13.37 -15.03
CA ARG A 98 15.93 -14.39 -16.02
C ARG A 98 17.34 -14.87 -15.81
N LEU A 99 18.26 -13.94 -15.53
CA LEU A 99 19.62 -14.33 -15.19
C LEU A 99 19.65 -15.23 -13.97
N TRP A 100 18.92 -14.84 -12.93
CA TRP A 100 18.94 -15.55 -11.63
C TRP A 100 18.42 -16.99 -11.71
N LYS A 101 17.46 -17.23 -12.59
CA LYS A 101 16.86 -18.54 -12.75
C LYS A 101 17.66 -19.47 -13.68
N ASP A 102 18.66 -18.91 -14.36
CA ASP A 102 19.49 -19.64 -15.35
C ASP A 102 20.45 -20.61 -14.68
N SER A 103 20.43 -21.84 -15.16
CA SER A 103 21.26 -22.94 -14.64
C SER A 103 22.73 -22.62 -14.37
N GLY A 104 23.32 -21.81 -15.26
CA GLY A 104 24.74 -21.45 -15.21
C GLY A 104 25.08 -20.34 -14.24
N VAL A 105 24.20 -19.36 -14.15
CA VAL A 105 24.32 -18.31 -13.14
C VAL A 105 24.21 -18.96 -11.76
N GLN A 106 23.23 -19.84 -11.59
CA GLN A 106 23.10 -20.66 -10.39
C GLN A 106 24.36 -21.46 -10.10
N ALA A 107 24.90 -22.11 -11.12
CA ALA A 107 26.16 -22.84 -10.94
C ALA A 107 27.24 -21.92 -10.34
N CYS A 108 27.41 -20.76 -10.97
CA CYS A 108 28.37 -19.76 -10.47
C CYS A 108 28.02 -19.26 -9.06
N PHE A 109 26.73 -19.15 -8.75
CA PHE A 109 26.31 -18.77 -7.41
C PHE A 109 26.79 -19.76 -6.36
N ASN A 110 26.65 -21.05 -6.63
CA ASN A 110 27.06 -22.09 -5.67
C ASN A 110 28.57 -22.17 -5.49
N ARG A 111 29.30 -21.47 -6.35
CA ARG A 111 30.73 -21.35 -6.26
C ARG A 111 31.15 -19.97 -5.74
N SER A 112 30.25 -19.27 -5.06
CA SER A 112 30.54 -17.91 -4.57
C SER A 112 31.79 -17.80 -3.66
N ARG A 113 32.23 -18.90 -3.02
CA ARG A 113 33.50 -18.91 -2.29
C ARG A 113 34.74 -18.58 -3.17
N GLU A 114 34.60 -18.65 -4.49
CA GLU A 114 35.74 -18.35 -5.38
C GLU A 114 35.84 -16.86 -5.77
N TYR A 115 34.82 -16.07 -5.40
CA TYR A 115 34.87 -14.62 -5.58
C TYR A 115 34.18 -13.96 -4.37
N GLN A 116 33.78 -12.70 -4.48
CA GLN A 116 33.22 -11.92 -3.37
C GLN A 116 31.75 -11.64 -3.67
N LEU A 117 30.86 -12.19 -2.83
CA LEU A 117 29.42 -12.01 -2.99
C LEU A 117 28.75 -11.72 -1.66
N ASN A 118 27.87 -10.72 -1.65
CA ASN A 118 27.08 -10.40 -0.48
C ASN A 118 26.27 -11.60 -0.03
N ASP A 119 26.28 -11.87 1.27
CA ASP A 119 25.50 -12.94 1.88
C ASP A 119 23.98 -12.75 1.71
N SER A 120 23.50 -11.52 1.51
CA SER A 120 22.06 -11.30 1.31
C SER A 120 21.59 -11.45 -0.13
N ALA A 121 22.50 -11.87 -1.01
CA ALA A 121 22.21 -11.95 -2.45
C ALA A 121 20.97 -12.77 -2.67
N ALA A 122 20.99 -13.99 -2.15
CA ALA A 122 19.90 -14.93 -2.34
C ALA A 122 18.60 -14.39 -1.76
N TYR A 123 18.67 -13.93 -0.51
CA TYR A 123 17.48 -13.38 0.16
C TYR A 123 16.75 -12.39 -0.75
N TYR A 124 17.50 -11.50 -1.38
CA TYR A 124 16.92 -10.48 -2.21
C TYR A 124 16.51 -11.03 -3.56
N LEU A 125 17.42 -11.77 -4.19
CA LEU A 125 17.20 -12.28 -5.55
C LEU A 125 16.04 -13.28 -5.59
N ASN A 126 15.83 -14.06 -4.53
CA ASN A 126 14.68 -14.98 -4.47
C ASN A 126 13.34 -14.25 -4.20
N ASP A 127 13.38 -13.01 -3.69
CA ASP A 127 12.15 -12.21 -3.48
C ASP A 127 12.03 -11.02 -4.45
N LEU A 128 12.57 -11.17 -5.65
CA LEU A 128 12.56 -10.07 -6.62
C LEU A 128 11.17 -9.60 -6.97
N ASP A 129 10.22 -10.52 -7.03
CA ASP A 129 8.82 -10.14 -7.33
C ASP A 129 8.32 -9.11 -6.35
N ARG A 130 8.57 -9.36 -5.07
CA ARG A 130 8.14 -8.46 -4.01
C ARG A 130 8.94 -7.13 -4.09
N ILE A 131 10.26 -7.23 -4.23
CA ILE A 131 11.15 -6.06 -4.20
C ILE A 131 10.93 -5.15 -5.43
N ALA A 132 10.66 -5.74 -6.59
CA ALA A 132 10.52 -5.01 -7.84
C ALA A 132 9.16 -4.34 -8.07
N GLN A 133 8.25 -4.42 -7.11
CA GLN A 133 6.93 -3.77 -7.27
C GLN A 133 7.09 -2.26 -7.12
N PRO A 134 6.37 -1.46 -7.93
CA PRO A 134 6.44 0.01 -7.87
C PRO A 134 6.25 0.60 -6.47
N ASN A 135 5.28 0.09 -5.72
CA ASN A 135 4.99 0.60 -4.37
C ASN A 135 5.72 -0.20 -3.26
N TYR A 136 6.90 -0.70 -3.59
CA TYR A 136 7.69 -1.51 -2.66
C TYR A 136 8.22 -0.69 -1.47
N ILE A 137 7.88 -1.16 -0.28
CA ILE A 137 8.35 -0.61 0.96
C ILE A 137 9.15 -1.71 1.64
N PRO A 138 10.46 -1.49 1.83
CA PRO A 138 11.25 -2.45 2.59
C PRO A 138 10.66 -2.81 3.93
N THR A 139 10.60 -4.11 4.23
CA THR A 139 10.27 -4.57 5.57
C THR A 139 11.46 -4.31 6.47
N GLN A 140 11.22 -4.36 7.77
CA GLN A 140 12.28 -4.29 8.74
C GLN A 140 13.39 -5.31 8.45
N GLN A 141 13.02 -6.53 8.05
CA GLN A 141 14.00 -7.57 7.74
C GLN A 141 14.86 -7.21 6.51
N ASP A 142 14.21 -6.62 5.50
CA ASP A 142 14.91 -6.10 4.32
C ASP A 142 15.97 -5.08 4.70
N VAL A 143 15.65 -4.23 5.66
CA VAL A 143 16.60 -3.25 6.15
C VAL A 143 17.77 -3.95 6.87
N LEU A 144 17.44 -4.89 7.74
CA LEU A 144 18.48 -5.63 8.47
C LEU A 144 19.43 -6.39 7.53
N ARG A 145 18.92 -6.83 6.39
CA ARG A 145 19.71 -7.62 5.44
C ARG A 145 20.56 -6.75 4.52
N THR A 146 20.41 -5.43 4.58
CA THR A 146 21.18 -4.59 3.67
C THR A 146 22.66 -4.52 4.06
N ARG A 147 23.48 -4.17 3.07
CA ARG A 147 24.92 -4.13 3.20
C ARG A 147 25.40 -2.70 2.92
N VAL A 148 26.11 -2.13 3.88
CA VAL A 148 26.77 -0.86 3.73
C VAL A 148 28.09 -0.96 4.50
N LYS A 149 29.19 -0.84 3.76
CA LYS A 149 30.53 -0.96 4.33
C LYS A 149 30.70 0.22 5.27
N THR A 150 31.07 -0.09 6.51
CA THR A 150 31.37 0.93 7.49
C THR A 150 32.83 1.29 7.41
N THR A 151 33.13 2.58 7.38
CA THR A 151 34.47 3.11 7.56
C THR A 151 34.51 4.07 8.75
N GLY A 152 35.53 3.96 9.60
CA GLY A 152 35.71 4.86 10.73
C GLY A 152 35.12 4.32 12.02
N ILE A 153 34.79 5.22 12.94
CA ILE A 153 34.21 4.83 14.21
C ILE A 153 32.97 5.66 14.47
N VAL A 154 31.87 5.00 14.76
CA VAL A 154 30.59 5.64 14.97
C VAL A 154 30.05 5.34 16.38
N GLU A 155 29.71 6.39 17.11
CA GLU A 155 29.21 6.34 18.49
C GLU A 155 27.69 6.50 18.54
N THR A 156 27.02 5.61 19.26
CA THR A 156 25.57 5.58 19.42
C THR A 156 25.28 5.55 20.90
N HIS A 157 24.18 6.14 21.33
CA HIS A 157 23.76 6.07 22.74
C HIS A 157 22.39 5.44 22.89
N PHE A 158 22.22 4.68 23.96
CA PHE A 158 20.93 4.11 24.32
C PHE A 158 20.99 3.65 25.75
N THR A 159 19.82 3.54 26.36
CA THR A 159 19.71 3.19 27.76
C THR A 159 18.92 1.88 27.90
N PHE A 160 19.44 0.97 28.72
CA PHE A 160 18.86 -0.36 28.90
C PHE A 160 19.12 -0.83 30.34
N LYS A 161 18.07 -1.34 30.99
CA LYS A 161 18.16 -1.76 32.40
C LYS A 161 18.83 -0.66 33.23
N ASP A 162 18.45 0.58 32.96
CA ASP A 162 19.00 1.75 33.66
C ASP A 162 20.50 1.96 33.48
N LEU A 163 21.05 1.40 32.41
CA LEU A 163 22.46 1.60 32.07
C LEU A 163 22.55 2.40 30.79
N HIS A 164 23.45 3.37 30.79
CA HIS A 164 23.60 4.24 29.65
C HIS A 164 24.75 3.73 28.81
N PHE A 165 24.40 3.15 27.66
CA PHE A 165 25.40 2.57 26.78
C PHE A 165 25.95 3.62 25.83
N LYS A 166 27.25 3.76 25.83
CA LYS A 166 27.93 4.50 24.79
C LYS A 166 28.52 3.40 23.92
N MET A 167 27.90 3.20 22.74
CA MET A 167 28.28 2.10 21.86
C MET A 167 29.08 2.58 20.64
N PHE A 168 30.19 1.91 20.41
CA PHE A 168 31.08 2.24 19.31
C PHE A 168 31.11 1.12 18.29
N ASP A 169 30.72 1.46 17.07
CA ASP A 169 30.72 0.55 15.93
C ASP A 169 31.90 0.91 15.01
N VAL A 170 32.67 -0.08 14.56
CA VAL A 170 33.87 0.18 13.77
C VAL A 170 33.87 -0.58 12.46
N GLY A 171 34.78 -0.23 11.54
CA GLY A 171 35.11 -1.09 10.35
C GLY A 171 36.17 -1.99 10.92
N GLY A 172 36.31 -3.27 10.60
CA GLY A 172 36.07 -4.02 9.47
C GLY A 172 37.44 -4.58 9.08
N GLN A 173 37.87 -4.03 7.98
CA GLN A 173 38.95 -4.50 7.19
C GLN A 173 40.26 -4.07 7.84
N ARG A 174 41.33 -4.79 7.47
CA ARG A 174 42.67 -4.47 7.94
C ARG A 174 42.94 -2.97 8.00
N SER A 175 42.59 -2.26 6.94
CA SER A 175 42.80 -0.81 6.85
C SER A 175 42.12 -0.01 7.96
N GLU A 176 41.01 -0.49 8.48
CA GLU A 176 40.28 0.22 9.53
C GLU A 176 40.81 -0.05 10.92
N ARG A 177 41.57 -1.14 11.07
CA ARG A 177 41.90 -1.61 12.41
C ARG A 177 42.91 -0.73 13.15
N LYS A 178 43.83 -0.11 12.42
CA LYS A 178 44.74 0.90 12.99
C LYS A 178 44.01 2.01 13.76
N LYS A 179 42.75 2.22 13.45
CA LYS A 179 41.96 3.30 14.04
C LYS A 179 41.28 2.90 15.35
N TRP A 180 41.33 1.61 15.67
CA TRP A 180 40.61 1.05 16.81
C TRP A 180 41.16 1.56 18.14
N ILE A 181 42.46 1.83 18.18
CA ILE A 181 43.13 2.30 19.40
C ILE A 181 42.43 3.52 20.02
N HIS A 182 41.82 4.34 19.17
CA HIS A 182 41.14 5.55 19.63
C HIS A 182 39.82 5.28 20.37
N CYS A 183 39.37 4.01 20.39
CA CYS A 183 38.22 3.56 21.20
C CYS A 183 38.59 2.81 22.45
N PHE A 184 39.86 2.48 22.57
CA PHE A 184 40.28 1.39 23.44
C PHE A 184 40.37 1.74 24.93
N GLU A 185 40.17 3.00 25.28
CA GLU A 185 40.28 3.44 26.67
C GLU A 185 38.97 3.25 27.44
N GLY A 186 39.09 2.70 28.65
CA GLY A 186 37.98 2.61 29.57
C GLY A 186 36.82 1.75 29.11
N VAL A 187 37.12 0.65 28.43
CA VAL A 187 36.08 -0.19 27.81
C VAL A 187 35.47 -1.17 28.81
N THR A 188 34.14 -1.18 28.94
CA THR A 188 33.49 -2.11 29.87
C THR A 188 33.23 -3.45 29.24
N ALA A 189 32.90 -3.45 27.95
CA ALA A 189 32.53 -4.67 27.27
C ALA A 189 32.86 -4.59 25.78
N ILE A 190 33.23 -5.74 25.22
CA ILE A 190 33.46 -5.90 23.79
C ILE A 190 32.55 -7.02 23.33
N ILE A 191 31.75 -6.77 22.31
CA ILE A 191 31.09 -7.83 21.57
C ILE A 191 31.98 -8.02 20.35
N PHE A 192 32.67 -9.16 20.29
CA PHE A 192 33.51 -9.48 19.16
C PHE A 192 32.71 -10.39 18.24
N CYS A 193 32.45 -9.93 17.03
CA CYS A 193 31.68 -10.70 16.08
C CYS A 193 32.54 -11.52 15.12
N VAL A 194 32.10 -12.74 14.88
CA VAL A 194 32.68 -13.65 13.93
C VAL A 194 31.59 -14.17 13.03
N ALA A 195 31.88 -14.20 11.74
CA ALA A 195 30.99 -14.76 10.76
C ALA A 195 31.30 -16.26 10.66
N LEU A 196 30.41 -17.08 11.18
CA LEU A 196 30.57 -18.54 11.17
C LEU A 196 30.72 -19.06 9.75
N SER A 197 29.97 -18.48 8.84
CA SER A 197 29.89 -18.93 7.47
C SER A 197 31.11 -18.51 6.65
N ASP A 198 32.03 -17.76 7.24
CA ASP A 198 33.23 -17.29 6.55
C ASP A 198 34.33 -18.36 6.49
N TYR A 199 34.04 -19.56 7.00
CA TYR A 199 35.07 -20.57 7.18
C TYR A 199 35.68 -21.04 5.85
N ASP A 200 34.97 -20.86 4.74
CA ASP A 200 35.49 -21.29 3.44
C ASP A 200 35.66 -20.12 2.48
N LEU A 201 35.68 -18.92 3.03
CA LEU A 201 35.84 -17.73 2.24
C LEU A 201 37.24 -17.13 2.47
N VAL A 202 37.55 -16.15 1.64
CA VAL A 202 38.83 -15.45 1.67
C VAL A 202 38.61 -13.95 1.93
N LEU A 203 39.57 -13.28 2.55
CA LEU A 203 39.48 -11.84 2.78
C LEU A 203 39.31 -11.07 1.46
N ALA A 204 38.37 -10.12 1.43
CA ALA A 204 38.24 -9.20 0.28
C ALA A 204 39.52 -8.39 0.08
N GLU A 205 40.19 -8.06 1.18
CA GLU A 205 41.46 -7.28 1.14
C GLU A 205 42.71 -8.14 0.97
N ASP A 206 42.58 -9.47 0.92
CA ASP A 206 43.74 -10.37 0.75
C ASP A 206 43.28 -11.76 0.33
N GLU A 207 43.33 -12.02 -0.97
CA GLU A 207 42.77 -13.26 -1.52
C GLU A 207 43.48 -14.52 -1.00
N GLU A 208 44.64 -14.37 -0.34
CA GLU A 208 45.44 -15.50 0.16
C GLU A 208 45.14 -15.93 1.61
N MET A 209 44.30 -15.18 2.32
CA MET A 209 44.05 -15.43 3.73
C MET A 209 42.60 -15.85 3.92
N ASN A 210 42.44 -17.03 4.51
CA ASN A 210 41.13 -17.54 4.91
C ASN A 210 40.49 -16.60 5.96
N ARG A 211 39.25 -16.22 5.72
CA ARG A 211 38.55 -15.26 6.58
C ARG A 211 38.46 -15.68 8.03
N MET A 212 38.26 -16.96 8.30
CA MET A 212 38.10 -17.45 9.68
C MET A 212 39.45 -17.46 10.39
N HIS A 213 40.51 -17.81 9.67
CA HIS A 213 41.88 -17.70 10.19
C HIS A 213 42.20 -16.26 10.58
N GLU A 214 41.70 -15.30 9.80
CA GLU A 214 41.88 -13.87 10.13
C GLU A 214 41.16 -13.54 11.41
N SER A 215 39.90 -13.95 11.45
CA SER A 215 39.05 -13.67 12.59
C SER A 215 39.68 -14.23 13.87
N MET A 216 40.22 -15.43 13.80
CA MET A 216 40.91 -16.05 14.93
C MET A 216 42.11 -15.25 15.41
N LYS A 217 43.01 -14.89 14.48
CA LYS A 217 44.17 -14.07 14.79
C LYS A 217 43.74 -12.73 15.40
N LEU A 218 42.63 -12.16 14.93
CA LEU A 218 42.17 -10.87 15.43
C LEU A 218 41.60 -11.05 16.83
N PHE A 219 40.83 -12.10 17.04
CA PHE A 219 40.32 -12.36 18.36
C PHE A 219 41.44 -12.66 19.36
N ASP A 220 42.47 -13.36 18.91
CA ASP A 220 43.59 -13.68 19.81
C ASP A 220 44.16 -12.36 20.30
N SER A 221 44.33 -11.41 19.38
CA SER A 221 44.88 -10.10 19.71
C SER A 221 44.02 -9.29 20.69
N ILE A 222 42.71 -9.23 20.42
CA ILE A 222 41.77 -8.46 21.24
C ILE A 222 41.55 -9.08 22.63
N CYS A 223 41.27 -10.38 22.65
CA CYS A 223 40.96 -11.10 23.87
C CYS A 223 42.05 -10.97 24.92
N ASN A 224 43.30 -10.95 24.46
CA ASN A 224 44.43 -11.02 25.35
C ASN A 224 45.10 -9.68 25.54
N ASN A 225 44.53 -8.64 24.94
CA ASN A 225 45.06 -7.29 25.07
C ASN A 225 44.96 -6.77 26.51
N LYS A 226 46.06 -6.21 26.99
CA LYS A 226 46.10 -5.69 28.37
C LYS A 226 45.12 -4.53 28.64
N TRP A 227 44.66 -3.83 27.60
CA TRP A 227 43.64 -2.80 27.81
C TRP A 227 42.30 -3.41 28.24
N PHE A 228 42.13 -4.71 28.00
CA PHE A 228 40.83 -5.33 28.20
C PHE A 228 40.82 -6.38 29.34
N THR A 229 41.82 -6.29 30.19
CA THR A 229 41.92 -7.13 31.36
C THR A 229 40.71 -7.04 32.26
N ASP A 230 40.12 -5.85 32.37
CA ASP A 230 38.92 -5.61 33.17
C ASP A 230 37.66 -5.46 32.31
N THR A 231 37.73 -5.90 31.05
CA THR A 231 36.64 -5.76 30.12
C THR A 231 35.96 -7.12 29.93
N SER A 232 34.64 -7.13 29.91
CA SER A 232 33.89 -8.34 29.61
C SER A 232 33.99 -8.62 28.11
N ILE A 233 34.59 -9.74 27.75
CA ILE A 233 34.76 -10.12 26.38
C ILE A 233 33.64 -11.08 26.02
N ILE A 234 32.77 -10.63 25.10
CA ILE A 234 31.65 -11.38 24.60
C ILE A 234 31.95 -11.73 23.16
N LEU A 235 31.67 -12.98 22.80
CA LEU A 235 31.94 -13.49 21.48
C LEU A 235 30.61 -13.88 20.85
N PHE A 236 30.26 -13.22 19.74
CA PHE A 236 29.10 -13.55 18.94
C PHE A 236 29.56 -14.38 17.75
N LEU A 237 29.32 -15.69 17.80
CA LEU A 237 29.54 -16.54 16.67
C LEU A 237 28.27 -16.42 15.82
N ASN A 238 28.34 -15.52 14.87
CA ASN A 238 27.18 -14.96 14.17
C ASN A 238 27.01 -15.64 12.83
N LYS A 239 25.89 -15.34 12.17
CA LYS A 239 25.56 -15.95 10.87
C LYS A 239 25.43 -17.48 11.00
N LYS A 240 24.91 -17.93 12.15
CA LYS A 240 24.72 -19.34 12.40
C LYS A 240 23.66 -19.92 11.44
N ASP A 241 22.66 -19.12 11.04
CA ASP A 241 21.72 -19.58 10.00
C ASP A 241 22.42 -19.85 8.68
N LEU A 242 23.32 -18.97 8.25
CA LEU A 242 24.06 -19.19 7.01
C LEU A 242 25.01 -20.39 7.14
N PHE A 243 25.58 -20.52 8.34
CA PHE A 243 26.47 -21.63 8.66
C PHE A 243 25.74 -22.96 8.59
N GLU A 244 24.55 -23.00 9.18
CA GLU A 244 23.77 -24.23 9.18
C GLU A 244 23.51 -24.71 7.76
N GLU A 245 23.28 -23.79 6.84
CA GLU A 245 22.98 -24.17 5.45
C GLU A 245 24.24 -24.59 4.72
N LYS A 246 25.36 -24.05 5.12
CA LYS A 246 26.59 -24.16 4.36
C LYS A 246 27.39 -25.41 4.72
N ILE A 247 27.35 -25.79 5.98
CA ILE A 247 28.15 -26.90 6.49
C ILE A 247 27.74 -28.24 5.88
N LYS A 248 26.49 -28.31 5.40
CA LYS A 248 25.98 -29.46 4.63
C LYS A 248 26.74 -29.58 3.31
N LYS A 249 26.99 -28.43 2.67
CA LYS A 249 27.53 -28.37 1.30
C LYS A 249 29.06 -28.35 1.26
N SER A 250 29.70 -27.76 2.27
CA SER A 250 31.10 -27.34 2.14
C SER A 250 31.93 -27.68 3.40
N PRO A 251 32.92 -28.59 3.27
CA PRO A 251 33.45 -29.19 4.50
C PRO A 251 34.30 -28.24 5.32
N LEU A 252 34.19 -28.36 6.63
CA LEU A 252 34.93 -27.49 7.54
C LEU A 252 36.46 -27.65 7.42
N THR A 253 36.90 -28.79 6.91
CA THR A 253 38.30 -29.07 6.69
C THR A 253 38.97 -28.10 5.71
N ILE A 254 38.20 -27.39 4.88
CA ILE A 254 38.76 -26.31 4.04
C ILE A 254 39.42 -25.27 4.94
N CYS A 255 38.85 -25.07 6.14
CA CYS A 255 39.37 -24.12 7.11
C CYS A 255 40.25 -24.76 8.16
N TYR A 256 39.84 -25.94 8.63
CA TYR A 256 40.56 -26.72 9.64
C TYR A 256 40.92 -28.10 9.10
N PRO A 257 42.06 -28.23 8.42
CA PRO A 257 42.45 -29.52 7.81
C PRO A 257 42.51 -30.68 8.80
N GLU A 258 42.78 -30.37 10.07
CA GLU A 258 42.86 -31.41 11.11
C GLU A 258 41.49 -31.85 11.63
N TYR A 259 40.43 -31.10 11.32
CA TYR A 259 39.08 -31.44 11.80
C TYR A 259 38.65 -32.85 11.40
N ALA A 260 38.45 -33.67 12.42
CA ALA A 260 38.19 -35.10 12.28
C ALA A 260 36.71 -35.47 12.42
N GLY A 261 35.90 -34.48 12.79
CA GLY A 261 34.47 -34.70 13.06
C GLY A 261 33.59 -34.54 11.82
N SER A 262 32.30 -34.71 12.02
CA SER A 262 31.30 -34.72 10.95
C SER A 262 30.94 -33.33 10.53
N ASN A 263 30.52 -33.18 9.27
CA ASN A 263 30.02 -31.91 8.79
C ASN A 263 28.55 -31.81 9.13
N THR A 264 28.29 -31.59 10.41
CA THR A 264 26.96 -31.37 10.97
C THR A 264 26.97 -30.03 11.71
N TYR A 265 25.83 -29.37 11.73
CA TYR A 265 25.72 -28.02 12.31
C TYR A 265 26.26 -28.00 13.75
N GLU A 266 25.81 -28.92 14.57
CA GLU A 266 26.12 -28.84 15.98
C GLU A 266 27.56 -29.22 16.34
N GLU A 267 28.16 -30.23 15.70
CA GLU A 267 29.56 -30.58 16.00
C GLU A 267 30.54 -29.52 15.51
N ALA A 268 30.40 -29.11 14.24
CA ALA A 268 31.28 -28.13 13.61
C ALA A 268 31.14 -26.75 14.30
N ALA A 269 29.93 -26.40 14.72
CA ALA A 269 29.74 -25.18 15.52
C ALA A 269 30.49 -25.27 16.85
N ALA A 270 30.46 -26.44 17.46
CA ALA A 270 31.14 -26.61 18.73
C ALA A 270 32.64 -26.48 18.55
N TYR A 271 33.17 -26.99 17.44
CA TYR A 271 34.61 -27.00 17.16
C TYR A 271 35.07 -25.57 16.96
N ILE A 272 34.34 -24.83 16.15
CA ILE A 272 34.70 -23.42 15.95
C ILE A 272 34.74 -22.73 17.34
N GLN A 273 33.67 -22.87 18.12
CA GLN A 273 33.65 -22.27 19.46
C GLN A 273 34.94 -22.55 20.24
N CYS A 274 35.31 -23.81 20.31
CA CYS A 274 36.49 -24.21 21.06
C CYS A 274 37.81 -23.67 20.49
N GLN A 275 37.86 -23.48 19.16
CA GLN A 275 39.05 -22.91 18.53
C GLN A 275 39.25 -21.47 18.98
N PHE A 276 38.17 -20.70 19.01
CA PHE A 276 38.23 -19.34 19.55
C PHE A 276 38.45 -19.30 21.06
N GLU A 277 37.72 -20.11 21.79
CA GLU A 277 37.86 -20.08 23.23
C GLU A 277 39.27 -20.51 23.70
N ASP A 278 39.96 -21.38 22.95
CA ASP A 278 41.34 -21.74 23.30
C ASP A 278 42.35 -20.60 23.13
N LEU A 279 42.01 -19.55 22.37
CA LEU A 279 42.94 -18.43 22.16
C LEU A 279 43.15 -17.62 23.44
N ASN A 280 42.15 -17.66 24.32
CA ASN A 280 42.27 -17.04 25.63
C ASN A 280 43.49 -17.54 26.39
N LYS A 281 44.42 -16.64 26.68
CA LYS A 281 45.67 -17.00 27.35
C LYS A 281 45.64 -16.64 28.84
N ARG A 282 44.46 -16.23 29.31
CA ARG A 282 44.20 -16.00 30.74
C ARG A 282 42.95 -16.75 31.20
N LYS A 283 42.87 -18.04 30.91
CA LYS A 283 41.71 -18.85 31.32
C LYS A 283 41.44 -18.85 32.83
N ASP A 284 42.47 -18.60 33.63
CA ASP A 284 42.37 -18.49 35.09
C ASP A 284 41.58 -17.28 35.57
N THR A 285 41.82 -16.13 34.96
CA THR A 285 41.24 -14.88 35.45
C THR A 285 40.07 -14.40 34.61
N LYS A 286 39.97 -14.92 33.40
CA LYS A 286 39.06 -14.32 32.43
C LYS A 286 38.18 -15.36 31.69
N GLU A 287 36.93 -14.99 31.53
CA GLU A 287 35.93 -15.83 30.90
C GLU A 287 35.47 -15.16 29.60
N ILE A 288 35.40 -15.95 28.53
CA ILE A 288 34.77 -15.48 27.29
C ILE A 288 33.29 -15.85 27.38
N TYR A 289 32.40 -14.92 27.09
CA TYR A 289 30.96 -15.22 27.09
C TYR A 289 30.50 -15.38 25.65
N THR A 290 30.29 -16.64 25.28
CA THR A 290 30.02 -17.00 23.91
C THR A 290 28.53 -17.22 23.63
N HIS A 291 28.05 -16.60 22.55
CA HIS A 291 26.67 -16.82 22.06
C HIS A 291 26.65 -17.02 20.55
N PHE A 292 25.86 -17.98 20.13
CA PHE A 292 25.65 -18.21 18.71
C PHE A 292 24.49 -17.34 18.35
N THR A 293 24.72 -16.45 17.39
CA THR A 293 23.73 -15.45 17.07
C THR A 293 23.36 -15.46 15.63
N CYS A 294 22.20 -14.89 15.35
CA CYS A 294 21.78 -14.54 13.99
C CYS A 294 21.39 -13.06 14.05
N ALA A 295 22.30 -12.19 13.59
CA ALA A 295 22.18 -10.75 13.85
C ALA A 295 20.95 -10.16 13.20
N THR A 296 20.48 -10.80 12.14
CA THR A 296 19.32 -10.29 11.45
C THR A 296 18.03 -10.79 12.09
N ASP A 297 18.15 -11.71 13.05
CA ASP A 297 16.99 -12.19 13.85
C ASP A 297 16.82 -11.34 15.13
N THR A 298 15.86 -10.43 15.09
CA THR A 298 15.62 -9.50 16.19
C THR A 298 15.37 -10.25 17.50
N LYS A 299 14.49 -11.24 17.46
CA LYS A 299 14.22 -12.08 18.63
C LYS A 299 15.48 -12.67 19.24
N ASN A 300 16.38 -13.20 18.41
CA ASN A 300 17.58 -13.85 18.92
C ASN A 300 18.56 -12.80 19.47
N VAL A 301 18.70 -11.68 18.80
CA VAL A 301 19.58 -10.63 19.34
C VAL A 301 18.99 -10.03 20.65
N GLN A 302 17.68 -9.96 20.77
CA GLN A 302 17.09 -9.44 22.00
C GLN A 302 17.38 -10.34 23.19
N PHE A 303 17.28 -11.64 22.98
CA PHE A 303 17.55 -12.61 24.04
C PHE A 303 19.03 -12.60 24.41
N VAL A 304 19.89 -12.60 23.40
CA VAL A 304 21.33 -12.64 23.65
C VAL A 304 21.80 -11.35 24.30
N PHE A 305 21.31 -10.21 23.82
CA PHE A 305 21.72 -8.94 24.46
C PHE A 305 21.28 -8.82 25.90
N ASP A 306 20.11 -9.36 26.24
CA ASP A 306 19.66 -9.39 27.63
C ASP A 306 20.64 -10.19 28.52
N ALA A 307 21.11 -11.33 28.03
CA ALA A 307 22.09 -12.14 28.77
C ALA A 307 23.44 -11.40 28.93
N VAL A 308 23.91 -10.84 27.83
CA VAL A 308 25.14 -10.03 27.79
C VAL A 308 25.07 -8.89 28.81
N THR A 309 23.94 -8.17 28.85
CA THR A 309 23.77 -7.07 29.81
C THR A 309 23.80 -7.56 31.26
N ASP A 310 23.22 -8.73 31.52
CA ASP A 310 23.33 -9.33 32.86
C ASP A 310 24.76 -9.72 33.20
N VAL A 311 25.55 -10.13 32.21
CA VAL A 311 26.95 -10.43 32.45
C VAL A 311 27.70 -9.18 32.79
N ILE A 312 27.33 -8.08 32.16
CA ILE A 312 27.95 -6.81 32.46
C ILE A 312 27.55 -6.30 33.85
N ILE A 313 26.27 -6.43 34.22
CA ILE A 313 25.87 -6.06 35.58
C ILE A 313 26.71 -6.82 36.61
N LYS A 314 26.77 -8.16 36.46
CA LYS A 314 27.49 -9.03 37.41
C LYS A 314 29.00 -8.71 37.47
N ASN A 315 29.56 -8.29 36.34
CA ASN A 315 30.99 -7.98 36.30
C ASN A 315 31.39 -6.54 36.72
N ASN A 316 30.42 -5.65 36.92
CA ASN A 316 30.71 -4.24 37.31
C ASN A 316 29.76 -3.76 38.40
N LEU A 317 29.74 -4.50 39.50
CA LEU A 317 28.62 -4.53 40.40
C LEU A 317 28.89 -4.00 41.78
N ARG B 1 -21.99 -24.65 6.93
CA ARG B 1 -23.35 -24.48 6.32
C ARG B 1 -23.56 -23.04 5.85
N GLU B 2 -22.79 -22.61 4.86
CA GLU B 2 -22.88 -21.22 4.36
C GLU B 2 -23.90 -21.12 3.22
N VAL B 3 -24.44 -19.92 3.03
CA VAL B 3 -25.41 -19.64 1.99
C VAL B 3 -25.01 -18.35 1.30
N LYS B 4 -24.58 -18.46 0.03
CA LYS B 4 -24.26 -17.29 -0.75
C LYS B 4 -25.54 -16.81 -1.42
N LEU B 5 -25.92 -15.58 -1.06
CA LEU B 5 -27.15 -14.94 -1.52
C LEU B 5 -26.81 -13.66 -2.30
N LEU B 6 -27.37 -13.53 -3.50
CA LEU B 6 -27.26 -12.31 -4.29
C LEU B 6 -28.58 -11.57 -4.33
N LEU B 7 -28.53 -10.27 -4.02
CA LEU B 7 -29.65 -9.40 -4.29
C LEU B 7 -29.37 -8.73 -5.60
N LEU B 8 -30.19 -9.08 -6.60
CA LEU B 8 -30.07 -8.56 -7.95
C LEU B 8 -31.37 -7.93 -8.40
N GLY B 9 -31.26 -7.14 -9.47
CA GLY B 9 -32.40 -6.45 -10.04
C GLY B 9 -31.94 -5.14 -10.61
N ALA B 10 -32.78 -4.49 -11.41
CA ALA B 10 -32.43 -3.19 -12.01
C ALA B 10 -32.38 -2.10 -10.94
N GLY B 11 -31.92 -0.92 -11.36
CA GLY B 11 -31.89 0.26 -10.49
C GLY B 11 -33.21 0.54 -9.80
N GLU B 12 -33.15 0.88 -8.53
CA GLU B 12 -34.36 1.29 -7.75
C GLU B 12 -35.42 0.20 -7.64
N SER B 13 -35.03 -1.06 -7.66
CA SER B 13 -36.01 -2.12 -7.53
C SER B 13 -36.21 -2.59 -6.09
N GLY B 14 -35.33 -2.18 -5.18
CA GLY B 14 -35.52 -2.42 -3.74
C GLY B 14 -34.50 -3.31 -3.05
N LYS B 15 -33.38 -3.56 -3.71
CA LYS B 15 -32.37 -4.46 -3.22
C LYS B 15 -31.83 -4.00 -1.87
N SER B 16 -31.45 -2.73 -1.78
CA SER B 16 -30.87 -2.23 -0.54
C SER B 16 -31.92 -2.15 0.58
N THR B 17 -33.17 -2.00 0.22
CA THR B 17 -34.23 -1.96 1.21
C THR B 17 -34.36 -3.34 1.86
N ILE B 18 -34.27 -4.40 1.06
CA ILE B 18 -34.28 -5.75 1.61
C ILE B 18 -33.06 -5.93 2.50
N VAL B 19 -31.93 -5.36 2.10
CA VAL B 19 -30.71 -5.47 2.92
C VAL B 19 -30.97 -4.86 4.27
N LYS B 20 -31.60 -3.69 4.28
CA LYS B 20 -31.98 -3.00 5.52
C LYS B 20 -32.91 -3.87 6.38
N GLN B 21 -33.88 -4.53 5.74
CA GLN B 21 -34.76 -5.46 6.46
C GLN B 21 -34.01 -6.65 7.08
N MET B 22 -32.99 -7.16 6.42
CA MET B 22 -32.17 -8.22 7.01
C MET B 22 -31.46 -7.73 8.30
N LYS B 23 -30.98 -6.49 8.34
CA LYS B 23 -30.40 -5.96 9.59
C LYS B 23 -31.47 -5.92 10.69
N ILE B 24 -32.66 -5.45 10.35
CA ILE B 24 -33.73 -5.32 11.33
C ILE B 24 -34.17 -6.68 11.89
N ILE B 25 -34.46 -7.63 11.01
CA ILE B 25 -35.09 -8.89 11.41
C ILE B 25 -34.07 -9.80 12.07
N HIS B 26 -32.87 -9.86 11.51
CA HIS B 26 -31.87 -10.83 11.95
C HIS B 26 -30.79 -10.29 12.88
N GLU B 27 -30.44 -9.02 12.75
CA GLU B 27 -29.43 -8.41 13.60
C GLU B 27 -30.01 -7.31 14.47
N ALA B 28 -31.29 -7.44 14.81
CA ALA B 28 -31.90 -6.64 15.88
C ALA B 28 -31.97 -5.10 15.66
N GLY B 29 -32.70 -4.65 14.64
CA GLY B 29 -33.24 -3.28 14.62
C GLY B 29 -32.25 -2.13 14.43
N TYR B 30 -32.80 -0.91 14.38
CA TYR B 30 -32.05 0.33 14.27
C TYR B 30 -32.23 1.07 15.57
N SER B 31 -31.13 1.48 16.20
CA SER B 31 -31.19 2.19 17.47
C SER B 31 -31.57 3.65 17.24
N GLU B 32 -31.79 4.38 18.34
CA GLU B 32 -32.08 5.81 18.24
C GLU B 32 -30.89 6.54 17.61
N GLU B 33 -29.68 6.20 18.04
CA GLU B 33 -28.48 6.89 17.53
C GLU B 33 -28.25 6.60 16.07
N GLU B 34 -28.55 5.38 15.64
CA GLU B 34 -28.38 5.00 14.23
C GLU B 34 -29.42 5.69 13.35
N CYS B 35 -30.65 5.79 13.84
CA CYS B 35 -31.72 6.52 13.16
C CYS B 35 -31.44 7.99 12.98
N LYS B 36 -30.82 8.62 13.97
CA LYS B 36 -30.53 10.03 13.88
C LYS B 36 -29.57 10.32 12.72
N GLN B 37 -28.72 9.34 12.40
CA GLN B 37 -27.74 9.49 11.30
C GLN B 37 -28.40 9.51 9.93
N TYR B 38 -29.66 9.09 9.85
CA TYR B 38 -30.38 9.17 8.57
C TYR B 38 -31.20 10.46 8.41
N LYS B 39 -31.27 11.27 9.46
CA LYS B 39 -31.92 12.57 9.39
C LYS B 39 -31.52 13.29 8.08
N ALA B 40 -30.23 13.54 7.93
CA ALA B 40 -29.68 14.21 6.74
C ALA B 40 -30.13 13.60 5.41
N VAL B 41 -30.27 12.29 5.38
CA VAL B 41 -30.71 11.64 4.15
C VAL B 41 -32.19 11.88 3.86
N VAL B 42 -33.04 11.82 4.89
CA VAL B 42 -34.44 12.14 4.71
C VAL B 42 -34.59 13.58 4.20
N TYR B 43 -33.89 14.53 4.81
CA TYR B 43 -33.97 15.91 4.35
C TYR B 43 -33.50 16.03 2.90
N SER B 44 -32.36 15.42 2.63
CA SER B 44 -31.80 15.42 1.28
C SER B 44 -32.79 14.79 0.26
N ASN B 45 -33.43 13.69 0.64
CA ASN B 45 -34.46 13.05 -0.19
C ASN B 45 -35.66 13.97 -0.43
N THR B 46 -36.20 14.57 0.65
CA THR B 46 -37.34 15.45 0.56
C THR B 46 -37.00 16.63 -0.35
N ILE B 47 -35.88 17.29 -0.07
CA ILE B 47 -35.48 18.47 -0.81
C ILE B 47 -35.26 18.17 -2.29
N GLN B 48 -34.49 17.13 -2.59
CA GLN B 48 -34.27 16.73 -4.00
C GLN B 48 -35.57 16.31 -4.70
N SER B 49 -36.54 15.79 -3.94
CA SER B 49 -37.82 15.42 -4.52
C SER B 49 -38.70 16.61 -4.95
N ILE B 50 -38.91 17.58 -4.07
CA ILE B 50 -39.70 18.74 -4.46
C ILE B 50 -38.99 19.52 -5.59
N ILE B 51 -37.67 19.59 -5.54
CA ILE B 51 -36.90 20.21 -6.62
C ILE B 51 -37.20 19.56 -7.96
N ALA B 52 -37.17 18.24 -7.99
CA ALA B 52 -37.47 17.52 -9.26
C ALA B 52 -38.88 17.79 -9.79
N ILE B 53 -39.86 17.89 -8.90
CA ILE B 53 -41.22 18.24 -9.31
C ILE B 53 -41.29 19.67 -9.87
N ILE B 54 -40.63 20.61 -9.23
CA ILE B 54 -40.61 21.98 -9.72
C ILE B 54 -39.86 22.16 -11.06
N ARG B 55 -38.72 21.48 -11.20
CA ARG B 55 -37.99 21.55 -12.46
C ARG B 55 -38.84 21.00 -13.59
N ALA B 56 -39.53 19.90 -13.32
CA ALA B 56 -40.43 19.29 -14.31
C ALA B 56 -41.50 20.29 -14.78
N MET B 57 -42.04 21.09 -13.87
CA MET B 57 -43.03 22.10 -14.24
C MET B 57 -42.53 23.04 -15.32
N GLY B 58 -41.29 23.51 -15.20
CA GLY B 58 -40.71 24.39 -16.22
C GLY B 58 -40.59 23.66 -17.55
N ARG B 59 -40.09 22.42 -17.51
CA ARG B 59 -39.93 21.59 -18.71
C ARG B 59 -41.25 21.24 -19.38
N LEU B 60 -42.23 20.79 -18.59
CA LEU B 60 -43.55 20.38 -19.09
C LEU B 60 -44.52 21.57 -19.21
N LYS B 61 -44.05 22.80 -18.92
CA LYS B 61 -44.88 24.00 -18.94
C LYS B 61 -46.21 23.87 -18.15
N ILE B 62 -46.13 23.49 -16.87
CA ILE B 62 -47.33 23.45 -16.00
C ILE B 62 -47.36 24.66 -15.11
N ASP B 63 -48.47 25.36 -15.09
CA ASP B 63 -48.62 26.54 -14.26
C ASP B 63 -48.79 26.19 -12.79
N PHE B 64 -48.38 27.12 -11.94
CA PHE B 64 -48.74 27.03 -10.55
C PHE B 64 -50.23 27.30 -10.41
N GLY B 65 -50.83 26.73 -9.38
CA GLY B 65 -52.21 27.03 -9.02
C GLY B 65 -52.37 28.49 -8.61
N ASP B 66 -51.41 28.97 -7.80
CA ASP B 66 -51.35 30.36 -7.35
C ASP B 66 -49.96 30.90 -7.63
N SER B 67 -49.87 32.02 -8.35
CA SER B 67 -48.60 32.57 -8.84
C SER B 67 -47.66 33.09 -7.76
N ALA B 68 -48.16 33.24 -6.53
CA ALA B 68 -47.31 33.56 -5.35
C ALA B 68 -46.29 32.46 -5.08
N ARG B 69 -46.57 31.27 -5.57
CA ARG B 69 -45.64 30.15 -5.43
C ARG B 69 -44.37 30.35 -6.23
N ALA B 70 -44.36 31.23 -7.22
CA ALA B 70 -43.14 31.44 -8.01
C ALA B 70 -42.02 31.91 -7.09
N ASP B 71 -42.35 32.83 -6.19
CA ASP B 71 -41.37 33.28 -5.20
C ASP B 71 -40.88 32.15 -4.29
N ASP B 72 -41.81 31.31 -3.85
CA ASP B 72 -41.47 30.13 -3.06
C ASP B 72 -40.50 29.22 -3.81
N ALA B 73 -40.73 29.04 -5.11
CA ALA B 73 -39.87 28.17 -5.94
C ALA B 73 -38.46 28.73 -6.08
N ARG B 74 -38.33 30.04 -6.24
CA ARG B 74 -36.95 30.58 -6.31
C ARG B 74 -36.28 30.48 -4.95
N GLN B 75 -37.02 30.79 -3.91
CA GLN B 75 -36.54 30.59 -2.56
C GLN B 75 -36.09 29.13 -2.33
N LEU B 76 -36.88 28.17 -2.80
CA LEU B 76 -36.48 26.76 -2.71
C LEU B 76 -35.07 26.54 -3.24
N PHE B 77 -34.79 27.07 -4.44
CA PHE B 77 -33.48 26.87 -5.06
C PHE B 77 -32.38 27.60 -4.30
N VAL B 78 -32.67 28.80 -3.82
CA VAL B 78 -31.69 29.59 -3.09
C VAL B 78 -31.34 28.97 -1.75
N LEU B 79 -32.38 28.54 -1.04
CA LEU B 79 -32.22 27.91 0.24
C LEU B 79 -31.57 26.53 0.11
N ALA B 80 -32.00 25.72 -0.87
CA ALA B 80 -31.37 24.40 -1.09
C ALA B 80 -29.90 24.61 -1.39
N GLY B 81 -29.54 25.73 -2.02
CA GLY B 81 -28.12 26.07 -2.25
C GLY B 81 -27.28 26.19 -0.99
N ALA B 82 -27.93 26.51 0.13
CA ALA B 82 -27.31 26.56 1.45
C ALA B 82 -27.78 25.39 2.34
N ALA B 83 -26.88 24.44 2.61
CA ALA B 83 -27.07 23.46 3.68
C ALA B 83 -27.24 24.24 5.04
N GLU B 84 -26.87 23.72 6.23
CA GLU B 84 -26.03 22.55 6.45
C GLU B 84 -26.86 21.28 6.40
N GLU B 85 -26.16 20.15 6.27
CA GLU B 85 -26.82 18.85 6.33
C GLU B 85 -27.20 18.57 7.79
N GLY B 86 -28.28 17.80 7.96
CA GLY B 86 -28.82 17.49 9.28
C GLY B 86 -29.76 18.54 9.84
N PHE B 87 -30.02 19.58 9.05
CA PHE B 87 -30.98 20.61 9.42
C PHE B 87 -31.79 21.09 8.18
N MET B 88 -33.07 21.29 8.44
CA MET B 88 -34.01 21.94 7.55
C MET B 88 -34.59 23.09 8.37
N THR B 89 -34.55 24.31 7.83
CA THR B 89 -35.05 25.48 8.55
C THR B 89 -36.58 25.53 8.54
N ALA B 90 -37.17 26.30 9.44
CA ALA B 90 -38.62 26.53 9.43
C ALA B 90 -39.00 27.24 8.13
N GLU B 91 -38.17 28.17 7.71
CA GLU B 91 -38.40 28.89 6.46
C GLU B 91 -38.42 27.90 5.29
N LEU B 92 -37.44 27.02 5.24
CA LEU B 92 -37.33 26.08 4.14
C LEU B 92 -38.46 25.05 4.17
N ALA B 93 -38.84 24.61 5.36
CA ALA B 93 -40.00 23.74 5.52
C ALA B 93 -41.27 24.41 5.00
N GLY B 94 -41.49 25.68 5.36
CA GLY B 94 -42.70 26.40 4.93
C GLY B 94 -42.76 26.58 3.42
N VAL B 95 -41.61 26.88 2.84
CA VAL B 95 -41.49 26.95 1.41
C VAL B 95 -41.86 25.60 0.79
N ILE B 96 -41.41 24.50 1.40
CA ILE B 96 -41.71 23.21 0.81
C ILE B 96 -43.21 22.83 0.97
N LYS B 97 -43.78 23.05 2.15
CA LYS B 97 -45.19 22.78 2.40
C LYS B 97 -46.07 23.53 1.40
N ARG B 98 -45.78 24.81 1.18
CA ARG B 98 -46.65 25.65 0.36
C ARG B 98 -46.59 25.19 -1.10
N LEU B 99 -45.40 24.85 -1.58
CA LEU B 99 -45.29 24.31 -2.94
C LEU B 99 -46.03 22.98 -3.01
N TRP B 100 -45.81 22.12 -2.05
CA TRP B 100 -46.36 20.78 -2.10
C TRP B 100 -47.90 20.75 -2.09
N LYS B 101 -48.56 21.73 -1.44
CA LYS B 101 -50.03 21.73 -1.43
C LYS B 101 -50.68 22.56 -2.55
N ASP B 102 -49.88 23.21 -3.38
CA ASP B 102 -50.37 23.90 -4.55
C ASP B 102 -50.89 22.95 -5.62
N SER B 103 -52.03 23.31 -6.20
CA SER B 103 -52.71 22.51 -7.22
C SER B 103 -51.85 22.17 -8.46
N GLY B 104 -50.97 23.06 -8.91
CA GLY B 104 -50.11 22.80 -10.07
C GLY B 104 -48.92 21.88 -9.78
N VAL B 105 -48.28 22.08 -8.62
CA VAL B 105 -47.18 21.19 -8.20
C VAL B 105 -47.73 19.77 -8.10
N GLN B 106 -48.89 19.66 -7.48
CA GLN B 106 -49.63 18.41 -7.38
C GLN B 106 -50.00 17.88 -8.79
N ALA B 107 -50.45 18.74 -9.71
CA ALA B 107 -50.68 18.29 -11.09
C ALA B 107 -49.39 17.65 -11.63
N CYS B 108 -48.26 18.35 -11.49
CA CYS B 108 -47.01 17.84 -11.97
C CYS B 108 -46.60 16.54 -11.29
N PHE B 109 -46.88 16.44 -9.99
CA PHE B 109 -46.59 15.25 -9.25
C PHE B 109 -47.31 14.02 -9.80
N ASN B 110 -48.57 14.19 -10.18
CA ASN B 110 -49.34 13.08 -10.74
C ASN B 110 -48.86 12.66 -12.14
N ARG B 111 -48.03 13.48 -12.77
CA ARG B 111 -47.44 13.12 -14.05
C ARG B 111 -45.96 12.72 -13.90
N SER B 112 -45.57 12.28 -12.69
CA SER B 112 -44.18 11.90 -12.36
C SER B 112 -43.55 10.87 -13.29
N ARG B 113 -44.37 10.08 -13.97
CA ARG B 113 -43.88 9.20 -15.02
C ARG B 113 -43.18 9.91 -16.21
N GLU B 114 -43.31 11.22 -16.33
CA GLU B 114 -42.72 11.97 -17.45
C GLU B 114 -41.34 12.55 -17.10
N TYR B 115 -40.90 12.32 -15.86
CA TYR B 115 -39.55 12.68 -15.40
C TYR B 115 -39.13 11.64 -14.38
N GLN B 116 -38.13 11.94 -13.55
CA GLN B 116 -37.61 10.98 -12.57
C GLN B 116 -37.85 11.49 -11.17
N LEU B 117 -38.67 10.77 -10.42
CA LEU B 117 -39.04 11.15 -9.07
C LEU B 117 -38.91 9.98 -8.15
N ASN B 118 -38.28 10.23 -7.02
CA ASN B 118 -38.19 9.25 -5.95
C ASN B 118 -39.54 8.80 -5.45
N ASP B 119 -39.73 7.49 -5.36
CA ASP B 119 -40.95 6.87 -4.88
C ASP B 119 -41.36 7.23 -3.42
N SER B 120 -40.42 7.66 -2.60
CA SER B 120 -40.74 8.07 -1.24
C SER B 120 -41.08 9.57 -1.12
N ALA B 121 -41.19 10.26 -2.24
CA ALA B 121 -41.45 11.69 -2.27
C ALA B 121 -42.72 12.03 -1.50
N ALA B 122 -43.82 11.38 -1.84
CA ALA B 122 -45.09 11.64 -1.13
C ALA B 122 -45.01 11.24 0.37
N TYR B 123 -44.49 10.07 0.65
CA TYR B 123 -44.36 9.65 2.04
C TYR B 123 -43.76 10.78 2.89
N TYR B 124 -42.68 11.37 2.39
CA TYR B 124 -41.95 12.40 3.15
C TYR B 124 -42.65 13.73 3.09
N LEU B 125 -43.08 14.12 1.89
CA LEU B 125 -43.69 15.43 1.70
C LEU B 125 -45.06 15.53 2.42
N ASN B 126 -45.83 14.45 2.48
CA ASN B 126 -47.08 14.47 3.27
C ASN B 126 -46.87 14.51 4.79
N ASP B 127 -45.69 14.10 5.26
CA ASP B 127 -45.36 14.11 6.70
C ASP B 127 -44.36 15.21 7.06
N LEU B 128 -44.38 16.31 6.31
CA LEU B 128 -43.36 17.30 6.54
C LEU B 128 -43.47 18.00 7.90
N ASP B 129 -44.69 18.12 8.45
CA ASP B 129 -44.89 18.65 9.79
C ASP B 129 -44.06 17.85 10.79
N ARG B 130 -44.15 16.52 10.70
CA ARG B 130 -43.40 15.63 11.59
C ARG B 130 -41.89 15.74 11.35
N ILE B 131 -41.50 15.67 10.08
CA ILE B 131 -40.10 15.62 9.68
C ILE B 131 -39.37 16.94 9.99
N ALA B 132 -40.05 18.06 9.80
CA ALA B 132 -39.42 19.39 10.01
C ALA B 132 -39.27 19.83 11.46
N GLN B 133 -39.76 19.06 12.42
CA GLN B 133 -39.65 19.47 13.83
C GLN B 133 -38.16 19.48 14.24
N PRO B 134 -37.75 20.48 15.03
CA PRO B 134 -36.34 20.53 15.46
C PRO B 134 -35.83 19.22 16.06
N ASN B 135 -36.61 18.58 16.92
CA ASN B 135 -36.12 17.35 17.57
C ASN B 135 -36.56 16.06 16.87
N TYR B 136 -36.66 16.16 15.55
CA TYR B 136 -37.05 15.04 14.72
C TYR B 136 -36.03 13.91 14.78
N ILE B 137 -36.54 12.73 15.11
CA ILE B 137 -35.79 11.47 15.06
C ILE B 137 -36.50 10.58 14.06
N PRO B 138 -35.83 10.24 12.95
CA PRO B 138 -36.39 9.29 11.99
C PRO B 138 -36.85 7.98 12.62
N THR B 139 -38.06 7.57 12.28
CA THR B 139 -38.57 6.27 12.68
C THR B 139 -37.86 5.22 11.85
N GLN B 140 -38.00 3.96 12.24
CA GLN B 140 -37.50 2.86 11.38
C GLN B 140 -38.06 2.94 9.97
N GLN B 141 -39.34 3.25 9.82
CA GLN B 141 -39.96 3.29 8.49
C GLN B 141 -39.34 4.42 7.66
N ASP B 142 -39.07 5.55 8.31
CA ASP B 142 -38.36 6.67 7.67
C ASP B 142 -37.07 6.25 7.08
N VAL B 143 -36.34 5.42 7.81
CA VAL B 143 -35.04 4.93 7.33
C VAL B 143 -35.26 4.00 6.16
N LEU B 144 -36.22 3.08 6.29
CA LEU B 144 -36.51 2.11 5.21
C LEU B 144 -36.93 2.81 3.91
N ARG B 145 -37.61 3.96 4.04
CA ARG B 145 -38.05 4.76 2.90
C ARG B 145 -36.95 5.57 2.22
N THR B 146 -35.77 5.67 2.85
CA THR B 146 -34.71 6.55 2.29
C THR B 146 -34.11 5.95 1.02
N ARG B 147 -33.54 6.84 0.22
CA ARG B 147 -32.98 6.50 -1.08
C ARG B 147 -31.53 6.88 -1.09
N VAL B 148 -30.68 5.89 -1.32
CA VAL B 148 -29.26 6.10 -1.57
C VAL B 148 -28.83 5.15 -2.67
N LYS B 149 -28.30 5.74 -3.75
CA LYS B 149 -27.89 4.95 -4.93
C LYS B 149 -26.68 4.11 -4.51
N THR B 150 -26.79 2.80 -4.73
CA THR B 150 -25.70 1.88 -4.48
C THR B 150 -24.83 1.76 -5.71
N THR B 151 -23.52 1.94 -5.51
CA THR B 151 -22.54 1.57 -6.52
C THR B 151 -21.64 0.48 -5.98
N GLY B 152 -21.30 -0.47 -6.85
CA GLY B 152 -20.35 -1.54 -6.53
C GLY B 152 -21.02 -2.80 -5.99
N ILE B 153 -20.30 -3.55 -5.17
CA ILE B 153 -20.83 -4.75 -4.57
C ILE B 153 -20.44 -4.73 -3.11
N VAL B 154 -21.44 -4.93 -2.25
CA VAL B 154 -21.29 -4.82 -0.82
C VAL B 154 -21.75 -6.12 -0.19
N GLU B 155 -20.89 -6.70 0.66
CA GLU B 155 -21.10 -8.00 1.30
C GLU B 155 -21.54 -7.82 2.75
N THR B 156 -22.55 -8.58 3.18
CA THR B 156 -23.10 -8.51 4.55
C THR B 156 -23.19 -9.93 5.06
N HIS B 157 -22.97 -10.12 6.35
CA HIS B 157 -23.10 -11.42 7.00
C HIS B 157 -24.20 -11.45 8.06
N PHE B 158 -24.93 -12.55 8.13
CA PHE B 158 -25.93 -12.77 9.17
C PHE B 158 -26.31 -14.24 9.23
N THR B 159 -26.84 -14.63 10.38
CA THR B 159 -27.18 -16.02 10.63
C THR B 159 -28.68 -16.16 10.77
N PHE B 160 -29.24 -17.21 10.19
CA PHE B 160 -30.67 -17.45 10.28
C PHE B 160 -30.98 -18.92 10.10
N LYS B 161 -31.77 -19.48 11.02
CA LYS B 161 -32.06 -20.92 11.06
C LYS B 161 -30.78 -21.74 10.94
N ASP B 162 -29.75 -21.27 11.67
CA ASP B 162 -28.43 -21.91 11.75
C ASP B 162 -27.69 -21.97 10.42
N LEU B 163 -28.02 -21.06 9.51
CA LEU B 163 -27.34 -20.93 8.22
C LEU B 163 -26.58 -19.61 8.22
N HIS B 164 -25.36 -19.62 7.70
CA HIS B 164 -24.55 -18.43 7.72
C HIS B 164 -24.63 -17.83 6.33
N PHE B 165 -25.36 -16.72 6.22
CA PHE B 165 -25.59 -16.05 4.96
C PHE B 165 -24.46 -15.10 4.64
N LYS B 166 -23.88 -15.25 3.46
CA LYS B 166 -23.00 -14.23 2.90
C LYS B 166 -23.82 -13.55 1.81
N MET B 167 -24.31 -12.37 2.14
CA MET B 167 -25.22 -11.63 1.30
C MET B 167 -24.53 -10.51 0.52
N PHE B 168 -24.76 -10.50 -0.79
CA PHE B 168 -24.14 -9.52 -1.66
C PHE B 168 -25.21 -8.67 -2.27
N ASP B 169 -25.10 -7.37 -2.06
CA ASP B 169 -26.02 -6.36 -2.57
C ASP B 169 -25.25 -5.61 -3.69
N VAL B 170 -25.89 -5.39 -4.83
CA VAL B 170 -25.22 -4.73 -5.97
C VAL B 170 -26.00 -3.52 -6.48
N GLY B 171 -25.34 -2.73 -7.33
CA GLY B 171 -26.00 -1.70 -8.10
C GLY B 171 -26.59 -2.29 -9.35
N GLY B 172 -27.74 -1.75 -9.71
CA GLY B 172 -28.58 -2.14 -10.76
C GLY B 172 -28.63 -1.33 -12.01
N GLN B 173 -28.01 -0.17 -12.09
CA GLN B 173 -27.99 0.55 -13.35
C GLN B 173 -27.12 -0.22 -14.32
N ARG B 174 -27.44 -0.08 -15.60
CA ARG B 174 -26.65 -0.66 -16.67
C ARG B 174 -25.17 -0.61 -16.36
N SER B 175 -24.70 0.58 -16.00
CA SER B 175 -23.30 0.84 -15.61
C SER B 175 -22.71 -0.14 -14.60
N GLU B 176 -23.52 -0.56 -13.64
CA GLU B 176 -23.05 -1.42 -12.55
C GLU B 176 -23.00 -2.91 -12.93
N ARG B 177 -23.73 -3.28 -13.97
CA ARG B 177 -24.02 -4.69 -14.22
C ARG B 177 -22.81 -5.50 -14.71
N LYS B 178 -21.91 -4.87 -15.46
CA LYS B 178 -20.65 -5.54 -15.84
C LYS B 178 -19.82 -6.00 -14.63
N LYS B 179 -20.12 -5.51 -13.43
CA LYS B 179 -19.35 -5.86 -12.25
C LYS B 179 -19.92 -7.10 -11.57
N TRP B 180 -21.12 -7.51 -11.97
CA TRP B 180 -21.82 -8.60 -11.28
C TRP B 180 -21.08 -9.93 -11.37
N ILE B 181 -20.35 -10.12 -12.47
CA ILE B 181 -19.63 -11.37 -12.69
C ILE B 181 -18.75 -11.69 -11.46
N HIS B 182 -18.22 -10.66 -10.82
CA HIS B 182 -17.35 -10.88 -9.68
C HIS B 182 -18.02 -11.56 -8.47
N CYS B 183 -19.35 -11.59 -8.44
CA CYS B 183 -20.01 -12.26 -7.32
C CYS B 183 -20.75 -13.52 -7.73
N PHE B 184 -20.56 -13.92 -8.99
CA PHE B 184 -21.36 -14.96 -9.62
C PHE B 184 -20.95 -16.39 -9.29
N GLU B 185 -19.80 -16.55 -8.64
CA GLU B 185 -19.28 -17.91 -8.36
C GLU B 185 -19.92 -18.56 -7.14
N GLY B 186 -20.35 -19.82 -7.28
CA GLY B 186 -20.83 -20.63 -6.15
C GLY B 186 -22.08 -20.11 -5.45
N VAL B 187 -23.02 -19.57 -6.21
CA VAL B 187 -24.19 -18.94 -5.63
C VAL B 187 -25.26 -19.96 -5.27
N THR B 188 -25.77 -19.87 -4.05
CA THR B 188 -26.82 -20.76 -3.59
C THR B 188 -28.20 -20.22 -3.92
N ALA B 189 -28.37 -18.91 -3.85
CA ALA B 189 -29.67 -18.30 -4.06
C ALA B 189 -29.56 -16.92 -4.61
N ILE B 190 -30.50 -16.54 -5.47
CA ILE B 190 -30.61 -15.17 -5.93
C ILE B 190 -31.99 -14.69 -5.60
N ILE B 191 -32.10 -13.55 -4.93
CA ILE B 191 -33.36 -12.83 -4.86
C ILE B 191 -33.28 -11.75 -5.93
N PHE B 192 -34.07 -11.92 -6.99
CA PHE B 192 -34.14 -10.93 -8.07
C PHE B 192 -35.34 -10.01 -7.82
N CYS B 193 -35.07 -8.72 -7.62
CA CYS B 193 -36.12 -7.75 -7.38
C CYS B 193 -36.58 -7.08 -8.63
N VAL B 194 -37.89 -6.87 -8.71
CA VAL B 194 -38.54 -6.13 -9.76
C VAL B 194 -39.47 -5.13 -9.09
N ALA B 195 -39.41 -3.89 -9.54
CA ALA B 195 -40.29 -2.85 -9.08
C ALA B 195 -41.55 -2.99 -9.93
N LEU B 196 -42.65 -3.41 -9.30
CA LEU B 196 -43.92 -3.57 -10.01
C LEU B 196 -44.42 -2.24 -10.57
N SER B 197 -44.15 -1.18 -9.81
CA SER B 197 -44.66 0.16 -10.11
C SER B 197 -43.89 0.83 -11.20
N ASP B 198 -42.90 0.14 -11.74
CA ASP B 198 -42.06 0.66 -12.79
C ASP B 198 -42.66 0.49 -14.18
N TYR B 199 -43.86 -0.08 -14.25
CA TYR B 199 -44.42 -0.48 -15.54
C TYR B 199 -44.69 0.71 -16.48
N ASP B 200 -44.85 1.91 -15.93
CA ASP B 200 -45.08 3.07 -16.78
C ASP B 200 -43.95 4.10 -16.72
N LEU B 201 -42.80 3.66 -16.22
CA LEU B 201 -41.63 4.52 -16.05
C LEU B 201 -40.57 4.20 -17.09
N VAL B 202 -39.59 5.08 -17.18
CA VAL B 202 -38.51 4.99 -18.13
C VAL B 202 -37.18 4.89 -17.34
N LEU B 203 -36.15 4.21 -17.87
CA LEU B 203 -34.83 4.15 -17.15
C LEU B 203 -34.28 5.56 -16.93
N ALA B 204 -33.66 5.80 -15.79
CA ALA B 204 -32.89 7.02 -15.56
C ALA B 204 -31.67 7.11 -16.49
N GLU B 205 -31.08 5.95 -16.83
CA GLU B 205 -29.93 5.84 -17.77
C GLU B 205 -30.31 5.97 -19.24
N ASP B 206 -31.58 5.81 -19.57
CA ASP B 206 -32.00 5.74 -20.96
C ASP B 206 -33.48 6.01 -21.10
N GLU B 207 -33.78 7.26 -21.44
CA GLU B 207 -35.14 7.77 -21.53
C GLU B 207 -36.03 6.96 -22.48
N GLU B 208 -35.43 6.20 -23.39
CA GLU B 208 -36.20 5.51 -24.44
C GLU B 208 -36.60 4.08 -24.09
N MET B 209 -36.16 3.59 -22.94
CA MET B 209 -36.40 2.22 -22.52
C MET B 209 -37.34 2.22 -21.34
N ASN B 210 -38.44 1.51 -21.49
CA ASN B 210 -39.35 1.22 -20.40
C ASN B 210 -38.69 0.39 -19.29
N ARG B 211 -38.90 0.80 -18.05
CA ARG B 211 -38.20 0.17 -16.94
C ARG B 211 -38.55 -1.32 -16.75
N MET B 212 -39.81 -1.68 -16.99
CA MET B 212 -40.21 -3.05 -16.79
C MET B 212 -39.66 -3.94 -17.91
N HIS B 213 -39.72 -3.44 -19.13
CA HIS B 213 -39.09 -4.10 -20.26
C HIS B 213 -37.63 -4.40 -19.96
N GLU B 214 -36.93 -3.43 -19.38
CA GLU B 214 -35.54 -3.61 -18.94
C GLU B 214 -35.39 -4.70 -17.93
N SER B 215 -36.23 -4.65 -16.90
CA SER B 215 -36.21 -5.64 -15.84
C SER B 215 -36.49 -7.06 -16.35
N MET B 216 -37.42 -7.20 -17.29
CA MET B 216 -37.69 -8.46 -17.99
C MET B 216 -36.47 -9.00 -18.74
N LYS B 217 -35.88 -8.19 -19.61
CA LYS B 217 -34.67 -8.62 -20.34
C LYS B 217 -33.53 -9.01 -19.35
N LEU B 218 -33.42 -8.30 -18.23
CA LEU B 218 -32.40 -8.61 -17.25
C LEU B 218 -32.72 -9.94 -16.53
N PHE B 219 -33.98 -10.15 -16.17
CA PHE B 219 -34.35 -11.42 -15.57
C PHE B 219 -34.15 -12.61 -16.53
N ASP B 220 -34.44 -12.38 -17.79
CA ASP B 220 -34.24 -13.37 -18.83
C ASP B 220 -32.79 -13.85 -18.78
N SER B 221 -31.89 -12.87 -18.77
CA SER B 221 -30.46 -13.13 -18.74
C SER B 221 -30.00 -13.84 -17.44
N ILE B 222 -30.49 -13.41 -16.29
CA ILE B 222 -30.07 -13.98 -15.02
C ILE B 222 -30.64 -15.38 -14.78
N CYS B 223 -31.95 -15.53 -15.00
CA CYS B 223 -32.67 -16.76 -14.76
C CYS B 223 -32.13 -17.94 -15.55
N ASN B 224 -31.68 -17.68 -16.77
CA ASN B 224 -31.28 -18.72 -17.71
C ASN B 224 -29.77 -18.85 -17.80
N ASN B 225 -29.05 -18.08 -16.99
CA ASN B 225 -27.61 -18.14 -16.93
C ASN B 225 -27.09 -19.49 -16.41
N LYS B 226 -26.10 -20.03 -17.12
CA LYS B 226 -25.47 -21.31 -16.77
C LYS B 226 -24.81 -21.32 -15.38
N TRP B 227 -24.41 -20.15 -14.91
CA TRP B 227 -23.89 -20.04 -13.54
C TRP B 227 -24.92 -20.43 -12.48
N PHE B 228 -26.20 -20.29 -12.83
CA PHE B 228 -27.26 -20.38 -11.84
C PHE B 228 -28.19 -21.55 -12.07
N THR B 229 -27.69 -22.57 -12.79
CA THR B 229 -28.39 -23.81 -13.00
C THR B 229 -28.74 -24.50 -11.67
N ASP B 230 -27.82 -24.49 -10.72
CA ASP B 230 -28.01 -25.14 -9.41
C ASP B 230 -28.38 -24.13 -8.33
N THR B 231 -28.69 -22.90 -8.71
CA THR B 231 -29.03 -21.86 -7.78
C THR B 231 -30.57 -21.70 -7.69
N SER B 232 -31.07 -21.48 -6.49
CA SER B 232 -32.49 -21.16 -6.30
C SER B 232 -32.77 -19.72 -6.75
N ILE B 233 -33.59 -19.58 -7.78
CA ILE B 233 -33.98 -18.26 -8.27
C ILE B 233 -35.29 -17.84 -7.63
N ILE B 234 -35.23 -16.79 -6.82
CA ILE B 234 -36.39 -16.25 -6.14
C ILE B 234 -36.64 -14.88 -6.73
N LEU B 235 -37.90 -14.62 -7.04
CA LEU B 235 -38.27 -13.38 -7.73
C LEU B 235 -39.21 -12.61 -6.82
N PHE B 236 -38.75 -11.42 -6.41
CA PHE B 236 -39.54 -10.53 -5.56
C PHE B 236 -40.20 -9.54 -6.49
N LEU B 237 -41.51 -9.65 -6.66
CA LEU B 237 -42.29 -8.63 -7.38
C LEU B 237 -42.66 -7.60 -6.33
N ASN B 238 -41.81 -6.59 -6.23
CA ASN B 238 -41.78 -5.70 -5.10
C ASN B 238 -42.56 -4.45 -5.40
N LYS B 239 -42.71 -3.58 -4.41
CA LYS B 239 -43.46 -2.34 -4.55
C LYS B 239 -44.91 -2.62 -4.92
N LYS B 240 -45.45 -3.69 -4.37
CA LYS B 240 -46.83 -4.05 -4.64
C LYS B 240 -47.81 -3.00 -4.09
N ASP B 241 -47.42 -2.38 -2.97
CA ASP B 241 -48.22 -1.28 -2.42
C ASP B 241 -48.29 -0.10 -3.39
N LEU B 242 -47.17 0.28 -4.00
CA LEU B 242 -47.13 1.39 -4.96
C LEU B 242 -47.92 0.98 -6.19
N PHE B 243 -47.74 -0.27 -6.59
CA PHE B 243 -48.43 -0.84 -7.72
C PHE B 243 -49.93 -0.79 -7.54
N GLU B 244 -50.40 -1.17 -6.36
CA GLU B 244 -51.83 -1.23 -6.11
C GLU B 244 -52.47 0.13 -6.24
N GLU B 245 -51.76 1.18 -5.85
CA GLU B 245 -52.32 2.51 -6.01
C GLU B 245 -52.19 3.05 -7.44
N LYS B 246 -51.20 2.58 -8.18
CA LYS B 246 -50.88 3.12 -9.51
C LYS B 246 -51.73 2.54 -10.63
N ILE B 247 -52.07 1.26 -10.51
CA ILE B 247 -52.84 0.56 -11.52
C ILE B 247 -54.24 1.14 -11.69
N LYS B 248 -54.80 1.71 -10.65
CA LYS B 248 -56.08 2.44 -10.75
C LYS B 248 -55.98 3.69 -11.65
N LYS B 249 -54.82 4.35 -11.60
CA LYS B 249 -54.60 5.63 -12.30
C LYS B 249 -53.92 5.51 -13.68
N SER B 250 -53.19 4.43 -13.92
CA SER B 250 -52.29 4.36 -15.09
C SER B 250 -52.31 2.98 -15.76
N PRO B 251 -52.74 2.92 -17.03
CA PRO B 251 -53.10 1.59 -17.54
C PRO B 251 -51.85 0.75 -17.81
N LEU B 252 -51.96 -0.55 -17.60
CA LEU B 252 -50.87 -1.48 -17.85
C LEU B 252 -50.41 -1.48 -19.31
N THR B 253 -51.33 -1.19 -20.23
CA THR B 253 -51.02 -1.23 -21.65
C THR B 253 -49.93 -0.27 -22.05
N ILE B 254 -49.66 0.73 -21.21
CA ILE B 254 -48.49 1.58 -21.42
C ILE B 254 -47.23 0.71 -21.52
N CYS B 255 -47.15 -0.35 -20.72
CA CYS B 255 -46.04 -1.29 -20.77
C CYS B 255 -46.29 -2.48 -21.68
N TYR B 256 -47.51 -2.98 -21.63
CA TYR B 256 -47.94 -4.15 -22.38
C TYR B 256 -49.13 -3.80 -23.27
N PRO B 257 -48.87 -3.24 -24.45
CA PRO B 257 -49.97 -2.92 -25.40
C PRO B 257 -50.93 -4.07 -25.78
N GLU B 258 -50.50 -5.32 -25.67
CA GLU B 258 -51.36 -6.49 -25.96
C GLU B 258 -52.30 -6.82 -24.77
N TYR B 259 -52.01 -6.28 -23.59
CA TYR B 259 -52.80 -6.58 -22.40
C TYR B 259 -54.26 -6.28 -22.65
N ALA B 260 -55.09 -7.32 -22.50
CA ALA B 260 -56.52 -7.26 -22.82
C ALA B 260 -57.40 -7.21 -21.55
N GLY B 261 -56.77 -7.38 -20.38
CA GLY B 261 -57.51 -7.43 -19.13
C GLY B 261 -57.86 -6.07 -18.57
N SER B 262 -58.40 -6.09 -17.34
CA SER B 262 -58.75 -4.86 -16.65
C SER B 262 -57.59 -4.35 -15.79
N ASN B 263 -57.64 -3.06 -15.50
CA ASN B 263 -56.63 -2.41 -14.66
C ASN B 263 -57.00 -2.54 -13.20
N THR B 264 -56.97 -3.78 -12.71
CA THR B 264 -57.23 -4.14 -11.30
C THR B 264 -55.94 -4.68 -10.75
N TYR B 265 -55.73 -4.57 -9.44
CA TYR B 265 -54.51 -5.12 -8.84
C TYR B 265 -54.32 -6.59 -9.21
N GLU B 266 -55.37 -7.37 -8.99
CA GLU B 266 -55.30 -8.84 -9.11
C GLU B 266 -54.85 -9.33 -10.48
N GLU B 267 -55.55 -8.85 -11.49
CA GLU B 267 -55.35 -9.34 -12.84
C GLU B 267 -54.05 -8.84 -13.48
N ALA B 268 -53.77 -7.56 -13.28
CA ALA B 268 -52.54 -6.97 -13.79
C ALA B 268 -51.30 -7.51 -13.07
N ALA B 269 -51.40 -7.75 -11.76
CA ALA B 269 -50.29 -8.39 -11.04
C ALA B 269 -50.04 -9.78 -11.62
N ALA B 270 -51.11 -10.51 -11.89
CA ALA B 270 -50.99 -11.86 -12.40
C ALA B 270 -50.28 -11.85 -13.77
N TYR B 271 -50.64 -10.89 -14.60
CA TYR B 271 -50.11 -10.81 -15.95
C TYR B 271 -48.61 -10.51 -15.88
N ILE B 272 -48.21 -9.59 -15.00
CA ILE B 272 -46.82 -9.30 -14.87
C ILE B 272 -46.10 -10.58 -14.41
N GLN B 273 -46.61 -11.24 -13.36
CA GLN B 273 -46.00 -12.46 -12.86
C GLN B 273 -45.70 -13.38 -14.02
N CYS B 274 -46.73 -13.66 -14.82
CA CYS B 274 -46.60 -14.61 -15.94
C CYS B 274 -45.60 -14.19 -16.99
N GLN B 275 -45.50 -12.89 -17.24
CA GLN B 275 -44.52 -12.39 -18.22
C GLN B 275 -43.10 -12.73 -17.75
N PHE B 276 -42.81 -12.53 -16.47
CA PHE B 276 -41.53 -12.92 -15.90
C PHE B 276 -41.33 -14.44 -15.84
N GLU B 277 -42.35 -15.18 -15.41
CA GLU B 277 -42.21 -16.61 -15.27
C GLU B 277 -41.99 -17.31 -16.62
N ASP B 278 -42.60 -16.77 -17.67
CA ASP B 278 -42.44 -17.30 -19.02
C ASP B 278 -41.01 -17.17 -19.57
N LEU B 279 -40.22 -16.27 -19.03
CA LEU B 279 -38.85 -16.06 -19.49
C LEU B 279 -37.91 -17.22 -19.14
N ASN B 280 -38.29 -18.02 -18.13
CA ASN B 280 -37.60 -19.28 -17.85
C ASN B 280 -37.63 -20.26 -19.02
N LYS B 281 -36.45 -20.60 -19.52
CA LYS B 281 -36.32 -21.47 -20.68
C LYS B 281 -35.97 -22.90 -20.27
N ARG B 282 -35.97 -23.19 -18.96
CA ARG B 282 -35.80 -24.56 -18.46
C ARG B 282 -36.88 -24.87 -17.39
N LYS B 283 -38.13 -24.68 -17.79
CA LYS B 283 -39.29 -24.97 -16.94
C LYS B 283 -39.31 -26.40 -16.41
N ASP B 284 -38.70 -27.33 -17.12
CA ASP B 284 -38.66 -28.73 -16.67
C ASP B 284 -37.67 -29.00 -15.54
N THR B 285 -36.57 -28.26 -15.53
CA THR B 285 -35.48 -28.43 -14.57
C THR B 285 -35.57 -27.50 -13.38
N LYS B 286 -36.19 -26.34 -13.61
CA LYS B 286 -36.00 -25.20 -12.73
C LYS B 286 -37.30 -24.47 -12.44
N GLU B 287 -37.45 -24.12 -11.17
CA GLU B 287 -38.65 -23.49 -10.64
C GLU B 287 -38.26 -22.07 -10.18
N ILE B 288 -39.05 -21.07 -10.59
CA ILE B 288 -38.88 -19.72 -10.05
C ILE B 288 -39.79 -19.63 -8.84
N TYR B 289 -39.28 -19.11 -7.73
CA TYR B 289 -40.10 -18.95 -6.53
C TYR B 289 -40.49 -17.49 -6.41
N THR B 290 -41.75 -17.19 -6.74
CA THR B 290 -42.20 -15.80 -6.79
C THR B 290 -42.96 -15.38 -5.55
N HIS B 291 -42.62 -14.20 -5.05
CA HIS B 291 -43.36 -13.58 -3.97
C HIS B 291 -43.62 -12.14 -4.31
N PHE B 292 -44.84 -11.70 -4.01
CA PHE B 292 -45.20 -10.28 -4.10
C PHE B 292 -44.81 -9.69 -2.79
N THR B 293 -43.96 -8.67 -2.84
CA THR B 293 -43.40 -8.10 -1.64
C THR B 293 -43.60 -6.58 -1.55
N CYS B 294 -43.50 -6.10 -0.32
CA CYS B 294 -43.34 -4.70 -0.02
C CYS B 294 -42.11 -4.56 0.85
N ALA B 295 -41.01 -4.16 0.24
CA ALA B 295 -39.70 -4.22 0.88
C ALA B 295 -39.60 -3.30 2.09
N THR B 296 -40.43 -2.26 2.14
CA THR B 296 -40.45 -1.35 3.30
C THR B 296 -41.33 -1.86 4.44
N ASP B 297 -42.05 -2.94 4.19
CA ASP B 297 -42.91 -3.59 5.18
C ASP B 297 -42.17 -4.74 5.86
N THR B 298 -41.68 -4.48 7.08
CA THR B 298 -40.87 -5.45 7.81
C THR B 298 -41.61 -6.76 7.97
N LYS B 299 -42.86 -6.71 8.41
CA LYS B 299 -43.65 -7.93 8.60
C LYS B 299 -43.78 -8.74 7.33
N ASN B 300 -43.92 -8.08 6.17
CA ASN B 300 -44.03 -8.77 4.91
C ASN B 300 -42.71 -9.42 4.53
N VAL B 301 -41.63 -8.69 4.70
CA VAL B 301 -40.31 -9.24 4.36
C VAL B 301 -39.89 -10.37 5.30
N GLN B 302 -40.33 -10.31 6.56
CA GLN B 302 -40.04 -11.41 7.50
C GLN B 302 -40.72 -12.71 7.08
N PHE B 303 -41.98 -12.62 6.70
CA PHE B 303 -42.75 -13.77 6.25
C PHE B 303 -42.19 -14.36 4.93
N VAL B 304 -41.86 -13.48 3.99
CA VAL B 304 -41.37 -13.93 2.70
C VAL B 304 -39.97 -14.52 2.86
N PHE B 305 -39.10 -13.86 3.62
CA PHE B 305 -37.75 -14.39 3.79
C PHE B 305 -37.72 -15.73 4.51
N ASP B 306 -38.65 -15.95 5.42
CA ASP B 306 -38.83 -17.24 6.06
C ASP B 306 -39.14 -18.33 5.01
N ALA B 307 -40.03 -18.03 4.08
CA ALA B 307 -40.37 -18.98 3.03
C ALA B 307 -39.19 -19.20 2.07
N VAL B 308 -38.53 -18.12 1.69
CA VAL B 308 -37.31 -18.18 0.89
C VAL B 308 -36.29 -19.13 1.51
N THR B 309 -36.05 -18.98 2.81
CA THR B 309 -35.05 -19.80 3.51
C THR B 309 -35.44 -21.28 3.53
N ASP B 310 -36.73 -21.54 3.67
CA ASP B 310 -37.22 -22.91 3.60
C ASP B 310 -36.96 -23.53 2.23
N VAL B 311 -37.09 -22.72 1.18
CA VAL B 311 -36.83 -23.20 -0.17
C VAL B 311 -35.36 -23.51 -0.31
N ILE B 312 -34.53 -22.70 0.33
CA ILE B 312 -33.10 -22.93 0.26
C ILE B 312 -32.77 -24.23 0.97
N ILE B 313 -33.33 -24.43 2.18
CA ILE B 313 -33.10 -25.67 2.92
C ILE B 313 -33.51 -26.89 2.08
N LYS B 314 -34.71 -26.85 1.51
CA LYS B 314 -35.20 -27.96 0.70
C LYS B 314 -34.37 -28.22 -0.57
N ASN B 315 -33.80 -27.17 -1.17
CA ASN B 315 -32.99 -27.33 -2.38
C ASN B 315 -31.53 -27.71 -2.17
N ASN B 316 -31.06 -27.65 -0.93
CA ASN B 316 -29.64 -27.78 -0.66
C ASN B 316 -29.40 -28.64 0.57
N LEU B 317 -30.10 -29.77 0.66
CA LEU B 317 -30.17 -30.46 1.96
C LEU B 317 -30.59 -31.94 1.92
N VAL C 13 4.99 11.33 6.84
CA VAL C 13 4.07 12.36 7.38
C VAL C 13 2.62 11.88 7.30
N LEU C 14 2.18 11.14 8.31
CA LEU C 14 0.77 10.79 8.45
C LEU C 14 0.44 10.44 9.90
N SER C 15 -0.57 11.11 10.45
CA SER C 15 -0.87 11.08 11.87
C SER C 15 -2.28 10.56 12.13
N ALA C 16 -2.54 10.25 13.39
CA ALA C 16 -3.91 9.98 13.87
C ALA C 16 -4.82 11.17 13.62
N ALA C 17 -4.35 12.37 13.95
CA ALA C 17 -5.11 13.60 13.74
C ALA C 17 -5.57 13.75 12.30
N GLU C 18 -4.73 13.37 11.33
CA GLU C 18 -5.10 13.44 9.92
C GLU C 18 -6.20 12.41 9.60
N VAL C 19 -5.97 11.16 10.00
CA VAL C 19 -6.89 10.07 9.70
C VAL C 19 -8.23 10.19 10.44
N MET C 20 -8.21 10.66 11.68
CA MET C 20 -9.47 10.98 12.35
C MET C 20 -10.25 12.03 11.58
N GLN C 21 -9.56 13.08 11.12
CA GLN C 21 -10.20 14.16 10.35
C GLN C 21 -10.84 13.68 9.03
N TRP C 22 -10.43 12.52 8.53
CA TRP C 22 -11.07 11.91 7.37
C TRP C 22 -12.57 11.62 7.56
N SER C 23 -13.00 11.46 8.81
CA SER C 23 -14.42 11.27 9.13
C SER C 23 -15.22 12.59 9.13
N GLN C 24 -14.54 13.74 9.07
CA GLN C 24 -15.24 15.02 9.02
C GLN C 24 -15.96 15.17 7.68
N SER C 25 -15.26 14.88 6.59
CA SER C 25 -15.86 15.02 5.25
C SER C 25 -15.12 14.24 4.16
N LEU C 26 -15.80 13.99 3.05
CA LEU C 26 -15.17 13.37 1.87
C LEU C 26 -14.10 14.27 1.27
N GLU C 27 -14.34 15.58 1.33
CA GLU C 27 -13.39 16.58 0.82
C GLU C 27 -12.06 16.48 1.55
N LYS C 28 -12.12 16.35 2.88
CA LYS C 28 -10.91 16.21 3.69
C LYS C 28 -10.21 14.89 3.35
N LEU C 29 -10.98 13.84 3.12
CA LEU C 29 -10.40 12.55 2.78
C LEU C 29 -9.65 12.60 1.44
N LEU C 30 -10.26 13.28 0.46
CA LEU C 30 -9.68 13.36 -0.88
C LEU C 30 -8.73 14.55 -1.04
N ALA C 31 -8.57 15.36 0.00
CA ALA C 31 -7.65 16.48 -0.05
C ALA C 31 -6.24 15.99 -0.34
N ASN C 32 -5.90 14.85 0.25
CA ASN C 32 -4.54 14.36 0.27
C ASN C 32 -4.36 13.08 -0.54
N GLN C 33 -3.17 12.92 -1.13
CA GLN C 33 -2.81 11.76 -1.93
C GLN C 33 -2.83 10.44 -1.15
N THR C 34 -2.47 10.47 0.14
CA THR C 34 -2.55 9.24 0.96
C THR C 34 -4.00 8.79 1.12
N GLY C 35 -4.85 9.74 1.52
CA GLY C 35 -6.28 9.47 1.72
C GLY C 35 -6.98 8.98 0.47
N GLN C 36 -6.58 9.53 -0.68
CA GLN C 36 -7.02 9.02 -2.00
C GLN C 36 -6.70 7.54 -2.17
N ASN C 37 -5.44 7.19 -1.93
CA ASN C 37 -4.99 5.81 -2.04
C ASN C 37 -5.78 4.85 -1.14
N VAL C 38 -5.99 5.25 0.12
CA VAL C 38 -6.63 4.37 1.10
C VAL C 38 -8.10 4.18 0.78
N PHE C 39 -8.74 5.29 0.43
CA PHE C 39 -10.13 5.27 0.00
C PHE C 39 -10.26 4.50 -1.27
N GLY C 40 -9.28 4.68 -2.15
CA GLY C 40 -9.21 3.93 -3.41
C GLY C 40 -9.21 2.44 -3.16
N SER C 41 -8.34 2.02 -2.25
CA SER C 41 -8.30 0.63 -1.81
C SER C 41 -9.65 0.10 -1.39
N PHE C 42 -10.38 0.89 -0.61
CA PHE C 42 -11.68 0.48 -0.15
C PHE C 42 -12.64 0.33 -1.33
N LEU C 43 -12.67 1.32 -2.21
CA LEU C 43 -13.52 1.26 -3.38
C LEU C 43 -13.22 0.03 -4.21
N LYS C 44 -11.94 -0.33 -4.33
CA LYS C 44 -11.57 -1.51 -5.09
C LYS C 44 -12.23 -2.73 -4.49
N SER C 45 -12.20 -2.85 -3.17
CA SER C 45 -12.78 -4.04 -2.52
C SER C 45 -14.31 -4.06 -2.66
N GLU C 46 -14.92 -2.91 -2.93
CA GLU C 46 -16.33 -2.84 -3.25
C GLU C 46 -16.63 -2.72 -4.76
N PHE C 47 -15.59 -2.84 -5.59
CA PHE C 47 -15.74 -2.78 -7.05
C PHE C 47 -16.44 -1.48 -7.52
N SER C 48 -15.97 -0.36 -7.01
CA SER C 48 -16.52 0.94 -7.39
C SER C 48 -15.43 1.97 -7.59
N GLU C 49 -14.23 1.50 -7.90
CA GLU C 49 -13.07 2.36 -7.94
C GLU C 49 -13.10 3.30 -9.15
N GLU C 50 -13.96 3.00 -10.12
CA GLU C 50 -14.10 3.85 -11.28
C GLU C 50 -14.54 5.25 -10.89
N ASN C 51 -15.25 5.37 -9.78
CA ASN C 51 -15.74 6.66 -9.36
C ASN C 51 -14.61 7.59 -8.95
N ILE C 52 -13.69 7.11 -8.11
CA ILE C 52 -12.53 7.91 -7.72
C ILE C 52 -11.55 8.11 -8.88
N GLU C 53 -11.43 7.11 -9.75
CA GLU C 53 -10.53 7.24 -10.90
C GLU C 53 -11.07 8.32 -11.81
N PHE C 54 -12.39 8.37 -11.95
CA PHE C 54 -13.02 9.40 -12.73
C PHE C 54 -12.81 10.78 -12.10
N TRP C 55 -13.08 10.89 -10.80
CA TRP C 55 -12.85 12.13 -10.08
C TRP C 55 -11.43 12.64 -10.30
N LEU C 56 -10.45 11.74 -10.19
CA LEU C 56 -9.04 12.11 -10.36
C LEU C 56 -8.74 12.50 -11.79
N ALA C 57 -9.40 11.85 -12.74
CA ALA C 57 -9.24 12.20 -14.15
C ALA C 57 -9.76 13.60 -14.44
N CYS C 58 -10.86 13.99 -13.80
CA CYS C 58 -11.41 15.34 -13.95
C CYS C 58 -10.46 16.38 -13.35
N GLU C 59 -9.95 16.08 -12.16
CA GLU C 59 -8.99 16.98 -11.51
C GLU C 59 -7.81 17.30 -12.42
N ASP C 60 -7.20 16.26 -12.98
CA ASP C 60 -6.07 16.39 -13.87
C ASP C 60 -6.50 17.17 -15.12
N TYR C 61 -7.67 16.84 -15.64
CA TYR C 61 -8.19 17.53 -16.82
C TYR C 61 -8.30 19.03 -16.58
N LYS C 62 -8.69 19.44 -15.38
CA LYS C 62 -8.82 20.86 -15.05
C LYS C 62 -7.49 21.61 -15.07
N LYS C 63 -6.43 20.96 -14.56
CA LYS C 63 -5.08 21.53 -14.59
C LYS C 63 -4.44 21.45 -15.99
N THR C 64 -5.01 20.64 -16.88
CA THR C 64 -4.46 20.44 -18.23
C THR C 64 -4.60 21.68 -19.11
N GLU C 65 -3.71 21.80 -20.08
CA GLU C 65 -3.51 23.04 -20.83
C GLU C 65 -4.52 23.23 -21.95
N SER C 66 -5.04 24.46 -22.06
CA SER C 66 -5.94 24.86 -23.13
C SER C 66 -5.77 24.02 -24.40
N ASP C 67 -4.52 23.86 -24.83
CA ASP C 67 -4.20 23.24 -26.13
C ASP C 67 -4.67 21.78 -26.24
N LEU C 68 -4.39 20.99 -25.20
CA LEU C 68 -4.59 19.52 -25.24
C LEU C 68 -5.93 19.06 -24.70
N LEU C 69 -6.83 19.99 -24.42
CA LEU C 69 -8.12 19.66 -23.82
C LEU C 69 -9.00 18.77 -24.71
N PRO C 70 -9.08 19.06 -26.02
CA PRO C 70 -9.90 18.24 -26.91
C PRO C 70 -9.63 16.72 -26.83
N CYS C 71 -8.35 16.35 -26.74
CA CYS C 71 -7.96 14.93 -26.65
C CYS C 71 -8.17 14.36 -25.28
N LYS C 72 -7.79 15.12 -24.25
CA LYS C 72 -8.02 14.72 -22.88
C LYS C 72 -9.52 14.52 -22.65
N ALA C 73 -10.35 15.41 -23.17
CA ALA C 73 -11.81 15.31 -23.04
C ALA C 73 -12.37 14.07 -23.73
N GLU C 74 -11.92 13.79 -24.95
CA GLU C 74 -12.39 12.61 -25.66
C GLU C 74 -11.91 11.33 -24.99
N GLU C 75 -10.67 11.33 -24.50
CA GLU C 75 -10.08 10.18 -23.81
C GLU C 75 -10.87 9.81 -22.54
N ILE C 76 -11.26 10.83 -21.78
CA ILE C 76 -12.00 10.65 -20.53
C ILE C 76 -13.44 10.23 -20.81
N TYR C 77 -14.04 10.85 -21.83
CA TYR C 77 -15.39 10.48 -22.24
C TYR C 77 -15.47 9.00 -22.62
N LYS C 78 -14.50 8.52 -23.40
CA LYS C 78 -14.50 7.14 -23.83
C LYS C 78 -14.20 6.17 -22.67
N ALA C 79 -13.31 6.58 -21.79
CA ALA C 79 -12.85 5.69 -20.70
C ALA C 79 -13.88 5.56 -19.62
N PHE C 80 -14.64 6.63 -19.37
CA PHE C 80 -15.55 6.68 -18.22
C PHE C 80 -17.02 7.01 -18.52
N VAL C 81 -17.31 7.86 -19.50
CA VAL C 81 -18.68 8.41 -19.59
C VAL C 81 -19.58 7.71 -20.61
N HIS C 82 -19.01 7.32 -21.74
CA HIS C 82 -19.75 6.65 -22.81
C HIS C 82 -20.43 5.37 -22.29
N SER C 83 -21.63 5.08 -22.81
CA SER C 83 -22.38 3.85 -22.48
C SER C 83 -21.58 2.54 -22.44
N ASP C 84 -20.57 2.43 -23.28
CA ASP C 84 -19.80 1.20 -23.44
C ASP C 84 -18.38 1.37 -22.87
N ALA C 85 -18.14 2.42 -22.09
CA ALA C 85 -16.85 2.55 -21.40
C ALA C 85 -16.58 1.37 -20.49
N ALA C 86 -15.31 1.01 -20.37
CA ALA C 86 -14.86 -0.06 -19.49
C ALA C 86 -14.95 0.29 -18.02
N LYS C 87 -14.84 1.57 -17.69
CA LYS C 87 -15.03 2.06 -16.32
C LYS C 87 -16.18 3.06 -16.31
N GLN C 88 -17.34 2.64 -16.81
CA GLN C 88 -18.49 3.50 -17.00
C GLN C 88 -19.01 3.96 -15.65
N ILE C 89 -19.06 5.27 -15.46
CA ILE C 89 -19.57 5.83 -14.23
C ILE C 89 -21.09 5.75 -14.20
N ASN C 90 -21.66 5.56 -13.01
CA ASN C 90 -23.11 5.53 -12.82
C ASN C 90 -23.74 6.93 -12.82
N ILE C 91 -24.05 7.44 -14.01
CA ILE C 91 -24.77 8.70 -14.17
C ILE C 91 -26.01 8.56 -15.08
N ASP C 92 -26.99 9.43 -14.86
CA ASP C 92 -28.17 9.37 -15.69
C ASP C 92 -27.98 9.93 -17.12
N PHE C 93 -29.00 9.67 -17.93
CA PHE C 93 -29.05 10.08 -19.32
C PHE C 93 -28.79 11.57 -19.52
N ARG C 94 -29.52 12.42 -18.79
CA ARG C 94 -29.42 13.88 -18.97
C ARG C 94 -27.99 14.37 -18.72
N THR C 95 -27.32 13.79 -17.73
CA THR C 95 -25.94 14.16 -17.40
C THR C 95 -24.93 13.68 -18.48
N ARG C 96 -25.14 12.45 -18.94
CA ARG C 96 -24.32 11.85 -19.97
C ARG C 96 -24.48 12.56 -21.33
N GLU C 97 -25.70 12.95 -21.68
CA GLU C 97 -25.94 13.68 -22.94
C GLU C 97 -25.32 15.08 -22.92
N SER C 98 -25.47 15.75 -21.79
CA SER C 98 -24.94 17.08 -21.62
C SER C 98 -23.42 17.08 -21.63
N THR C 99 -22.82 16.02 -21.11
CA THR C 99 -21.38 15.85 -21.21
C THR C 99 -21.00 15.56 -22.64
N ALA C 100 -21.73 14.66 -23.29
CA ALA C 100 -21.49 14.36 -24.70
C ALA C 100 -21.39 15.64 -25.53
N LYS C 101 -22.37 16.53 -25.40
CA LYS C 101 -22.41 17.77 -26.18
C LYS C 101 -21.18 18.67 -25.97
N LYS C 102 -20.58 18.60 -24.78
CA LYS C 102 -19.44 19.46 -24.42
C LYS C 102 -18.09 18.96 -24.94
N ILE C 103 -18.02 17.68 -25.30
CA ILE C 103 -16.75 17.04 -25.69
C ILE C 103 -16.21 17.64 -26.99
N LYS C 104 -17.14 18.10 -27.83
CA LYS C 104 -16.85 18.62 -29.17
C LYS C 104 -15.97 19.88 -29.11
N ALA C 105 -16.38 20.83 -28.27
CA ALA C 105 -15.61 22.06 -28.06
C ALA C 105 -15.43 22.22 -26.56
N PRO C 106 -14.47 21.48 -25.97
CA PRO C 106 -14.39 21.40 -24.53
C PRO C 106 -13.67 22.56 -23.87
N THR C 107 -14.22 23.02 -22.75
CA THR C 107 -13.60 24.01 -21.87
C THR C 107 -13.13 23.29 -20.60
N PRO C 108 -12.37 23.97 -19.74
CA PRO C 108 -11.88 23.36 -18.50
C PRO C 108 -12.95 22.85 -17.52
N THR C 109 -14.16 23.41 -17.57
CA THR C 109 -15.26 22.99 -16.69
C THR C 109 -16.10 21.86 -17.30
N CYS C 110 -15.63 21.28 -18.40
CA CYS C 110 -16.40 20.33 -19.19
C CYS C 110 -17.05 19.20 -18.38
N PHE C 111 -16.30 18.63 -17.44
CA PHE C 111 -16.75 17.49 -16.64
C PHE C 111 -17.29 17.85 -15.25
N ASP C 112 -17.42 19.13 -14.95
CA ASP C 112 -17.88 19.54 -13.60
C ASP C 112 -19.21 18.89 -13.22
N GLU C 113 -20.17 18.86 -14.15
CA GLU C 113 -21.50 18.32 -13.90
C GLU C 113 -21.41 16.83 -13.51
N ALA C 114 -20.72 16.04 -14.33
CA ALA C 114 -20.54 14.62 -14.08
C ALA C 114 -19.70 14.39 -12.83
N GLN C 115 -18.67 15.20 -12.62
CA GLN C 115 -17.82 15.06 -11.43
C GLN C 115 -18.61 15.27 -10.17
N LYS C 116 -19.49 16.27 -10.16
CA LYS C 116 -20.33 16.57 -8.99
C LYS C 116 -21.23 15.35 -8.64
N VAL C 117 -21.86 14.77 -9.66
CA VAL C 117 -22.71 13.58 -9.47
C VAL C 117 -21.96 12.36 -8.94
N ILE C 118 -20.71 12.18 -9.38
CA ILE C 118 -19.90 11.07 -8.87
C ILE C 118 -19.33 11.37 -7.49
N TYR C 119 -19.06 12.63 -7.17
CA TYR C 119 -18.70 12.98 -5.80
C TYR C 119 -19.89 12.65 -4.86
N THR C 120 -21.06 13.17 -5.18
CA THR C 120 -22.24 12.91 -4.38
C THR C 120 -22.50 11.41 -4.17
N LEU C 121 -22.27 10.62 -5.22
CA LEU C 121 -22.45 9.18 -5.15
C LEU C 121 -21.46 8.58 -4.16
N MET C 122 -20.20 8.98 -4.28
CA MET C 122 -19.17 8.48 -3.36
C MET C 122 -19.49 8.96 -1.95
N GLU C 123 -19.80 10.24 -1.83
CA GLU C 123 -20.09 10.84 -0.53
C GLU C 123 -21.25 10.15 0.18
N LYS C 124 -22.36 9.96 -0.53
CA LYS C 124 -23.58 9.44 0.08
C LYS C 124 -23.56 7.94 0.35
N ASP C 125 -22.95 7.15 -0.54
CA ASP C 125 -23.02 5.68 -0.45
C ASP C 125 -21.72 5.00 0.04
N SER C 126 -20.63 5.23 -0.66
CA SER C 126 -19.35 4.56 -0.42
C SER C 126 -18.63 5.03 0.85
N TYR C 127 -18.65 6.33 1.07
CA TYR C 127 -17.89 6.95 2.13
C TYR C 127 -18.39 6.66 3.55
N PRO C 128 -19.72 6.74 3.80
CA PRO C 128 -20.18 6.33 5.13
C PRO C 128 -19.72 4.92 5.50
N ARG C 129 -19.62 4.06 4.51
CA ARG C 129 -19.21 2.68 4.74
C ARG C 129 -17.69 2.59 4.95
N PHE C 130 -16.93 3.30 4.15
CA PHE C 130 -15.49 3.38 4.32
C PHE C 130 -15.09 3.67 5.78
N LEU C 131 -15.80 4.62 6.40
CA LEU C 131 -15.57 5.00 7.79
C LEU C 131 -15.84 3.89 8.81
N LYS C 132 -16.60 2.86 8.42
CA LYS C 132 -16.90 1.71 9.30
C LYS C 132 -16.11 0.46 8.91
N SER C 133 -15.14 0.58 8.00
CA SER C 133 -14.46 -0.58 7.43
C SER C 133 -13.15 -0.95 8.14
N ASP C 134 -12.74 -2.20 8.01
CA ASP C 134 -11.48 -2.67 8.54
C ASP C 134 -10.30 -1.82 8.03
N ILE C 135 -10.28 -1.51 6.74
CA ILE C 135 -9.21 -0.69 6.14
C ILE C 135 -8.98 0.59 6.96
N TYR C 136 -10.02 1.42 7.06
CA TYR C 136 -9.97 2.66 7.85
C TYR C 136 -9.68 2.41 9.33
N LEU C 137 -10.44 1.53 9.97
CA LEU C 137 -10.29 1.31 11.43
C LEU C 137 -8.94 0.72 11.81
N ASN C 138 -8.45 -0.22 11.00
CA ASN C 138 -7.12 -0.78 11.22
C ASN C 138 -6.02 0.26 11.05
N LEU C 139 -6.17 1.17 10.09
CA LEU C 139 -5.21 2.26 9.93
C LEU C 139 -5.24 3.14 11.17
N LEU C 140 -6.43 3.63 11.51
CA LEU C 140 -6.61 4.55 12.61
C LEU C 140 -6.10 3.95 13.93
N ASN C 141 -6.46 2.70 14.22
CA ASN C 141 -6.12 2.08 15.50
C ASN C 141 -4.66 1.69 15.63
N ASP C 142 -3.98 1.38 14.54
CA ASP C 142 -2.57 1.00 14.64
C ASP C 142 -1.62 2.20 14.78
N LEU C 143 -2.13 3.42 14.57
CA LEU C 143 -1.32 4.65 14.78
C LEU C 143 -1.45 5.23 16.20
N GLN C 144 -2.22 4.58 17.08
CA GLN C 144 -2.46 5.09 18.44
C GLN C 144 -1.89 4.11 19.47
N VAL D 13 30.25 35.17 -0.15
CA VAL D 13 30.20 34.35 1.10
C VAL D 13 29.26 33.14 0.96
N LEU D 14 29.24 32.28 1.98
CA LEU D 14 28.50 31.00 1.92
C LEU D 14 27.02 31.16 2.30
N SER D 15 26.14 30.51 1.53
CA SER D 15 24.69 30.72 1.65
C SER D 15 24.01 29.68 2.54
N ALA D 16 22.69 29.82 2.70
CA ALA D 16 21.87 28.81 3.36
C ALA D 16 21.38 27.81 2.30
N ALA D 17 20.67 28.30 1.28
CA ALA D 17 20.26 27.46 0.15
C ALA D 17 21.37 26.50 -0.25
N GLU D 18 22.57 27.07 -0.43
CA GLU D 18 23.82 26.35 -0.72
C GLU D 18 24.05 25.13 0.18
N VAL D 19 23.84 25.29 1.48
CA VAL D 19 24.05 24.20 2.43
C VAL D 19 22.96 23.15 2.27
N MET D 20 21.72 23.57 2.05
CA MET D 20 20.60 22.65 1.83
C MET D 20 20.83 21.80 0.58
N GLN D 21 21.43 22.40 -0.45
CA GLN D 21 21.77 21.67 -1.68
C GLN D 21 22.83 20.60 -1.46
N TRP D 22 23.52 20.66 -0.32
CA TRP D 22 24.46 19.58 0.05
C TRP D 22 23.74 18.24 0.34
N SER D 23 22.45 18.29 0.69
CA SER D 23 21.67 17.08 0.90
C SER D 23 21.22 16.45 -0.42
N GLN D 24 21.34 17.18 -1.53
CA GLN D 24 20.97 16.64 -2.84
C GLN D 24 21.90 15.51 -3.25
N SER D 25 23.21 15.71 -3.11
CA SER D 25 24.21 14.72 -3.52
C SER D 25 25.58 14.96 -2.89
N LEU D 26 26.39 13.89 -2.84
CA LEU D 26 27.77 13.99 -2.38
C LEU D 26 28.58 14.85 -3.34
N GLU D 27 28.26 14.79 -4.63
CA GLU D 27 28.95 15.57 -5.65
C GLU D 27 28.78 17.08 -5.42
N LYS D 28 27.56 17.46 -5.05
CA LYS D 28 27.26 18.87 -4.75
C LYS D 28 27.97 19.30 -3.47
N LEU D 29 28.07 18.41 -2.49
CA LEU D 29 28.78 18.70 -1.24
C LEU D 29 30.28 18.91 -1.47
N LEU D 30 30.88 18.04 -2.31
CA LEU D 30 32.30 18.12 -2.62
C LEU D 30 32.64 19.06 -3.77
N ALA D 31 31.62 19.64 -4.41
CA ALA D 31 31.86 20.60 -5.49
C ALA D 31 32.68 21.80 -5.02
N ASN D 32 32.40 22.31 -3.82
CA ASN D 32 33.10 23.52 -3.36
C ASN D 32 33.98 23.29 -2.14
N GLN D 33 34.97 24.15 -1.97
CA GLN D 33 36.00 23.96 -0.93
C GLN D 33 35.45 24.15 0.49
N THR D 34 34.41 24.96 0.65
CA THR D 34 33.74 25.08 1.94
C THR D 34 33.14 23.75 2.40
N GLY D 35 32.33 23.16 1.53
CA GLY D 35 31.67 21.88 1.81
C GLY D 35 32.67 20.77 2.10
N GLN D 36 33.76 20.76 1.33
CA GLN D 36 34.88 19.86 1.56
C GLN D 36 35.39 19.95 2.99
N ASN D 37 35.68 21.17 3.44
CA ASN D 37 36.12 21.42 4.81
C ASN D 37 35.14 20.91 5.86
N VAL D 38 33.85 21.18 5.67
CA VAL D 38 32.83 20.84 6.67
C VAL D 38 32.61 19.33 6.75
N PHE D 39 32.55 18.70 5.59
CA PHE D 39 32.43 17.27 5.51
C PHE D 39 33.71 16.63 6.04
N GLY D 40 34.84 17.27 5.73
CA GLY D 40 36.13 16.82 6.22
C GLY D 40 36.14 16.74 7.73
N SER D 41 35.68 17.81 8.36
CA SER D 41 35.51 17.86 9.82
C SER D 41 34.68 16.71 10.33
N PHE D 42 33.59 16.42 9.65
CA PHE D 42 32.72 15.31 10.06
C PHE D 42 33.48 13.99 10.00
N LEU D 43 34.19 13.76 8.89
CA LEU D 43 34.96 12.53 8.76
C LEU D 43 36.02 12.43 9.84
N LYS D 44 36.60 13.55 10.23
CA LYS D 44 37.62 13.52 11.26
C LYS D 44 37.00 13.02 12.59
N SER D 45 35.77 13.46 12.88
CA SER D 45 35.09 13.04 14.10
C SER D 45 34.69 11.56 14.07
N GLU D 46 34.60 11.00 12.86
CA GLU D 46 34.36 9.57 12.68
C GLU D 46 35.62 8.78 12.32
N PHE D 47 36.79 9.41 12.38
CA PHE D 47 38.05 8.73 12.08
C PHE D 47 38.05 8.08 10.68
N SER D 48 37.57 8.80 9.69
CA SER D 48 37.60 8.28 8.32
C SER D 48 38.02 9.35 7.30
N GLU D 49 38.75 10.35 7.77
CA GLU D 49 39.10 11.50 6.93
C GLU D 49 40.03 11.12 5.77
N GLU D 50 40.73 9.99 5.91
CA GLU D 50 41.65 9.55 4.87
C GLU D 50 40.93 9.35 3.55
N ASN D 51 39.64 9.07 3.60
CA ASN D 51 38.87 8.88 2.38
C ASN D 51 38.78 10.16 1.57
N ILE D 52 38.41 11.26 2.22
CA ILE D 52 38.38 12.54 1.53
C ILE D 52 39.78 13.06 1.18
N GLU D 53 40.75 12.80 2.05
CA GLU D 53 42.10 13.27 1.78
C GLU D 53 42.60 12.56 0.53
N PHE D 54 42.24 11.30 0.38
CA PHE D 54 42.60 10.53 -0.79
C PHE D 54 41.91 11.05 -2.04
N TRP D 55 40.61 11.28 -1.94
CA TRP D 55 39.83 11.82 -3.04
C TRP D 55 40.44 13.14 -3.52
N LEU D 56 40.83 14.00 -2.58
CA LEU D 56 41.45 15.28 -2.92
C LEU D 56 42.82 15.08 -3.55
N ALA D 57 43.58 14.11 -3.05
CA ALA D 57 44.89 13.80 -3.63
C ALA D 57 44.76 13.31 -5.09
N CYS D 58 43.72 12.55 -5.39
CA CYS D 58 43.46 12.12 -6.76
C CYS D 58 43.08 13.29 -7.65
N GLU D 59 42.22 14.16 -7.16
CA GLU D 59 41.83 15.36 -7.92
C GLU D 59 43.05 16.21 -8.32
N ASP D 60 43.94 16.49 -7.37
CA ASP D 60 45.16 17.24 -7.66
C ASP D 60 46.03 16.46 -8.64
N TYR D 61 46.14 15.14 -8.42
CA TYR D 61 46.92 14.31 -9.33
C TYR D 61 46.44 14.42 -10.78
N LYS D 62 45.14 14.54 -10.99
CA LYS D 62 44.60 14.68 -12.35
C LYS D 62 45.02 15.97 -13.02
N LYS D 63 45.05 17.07 -12.26
CA LYS D 63 45.49 18.36 -12.80
C LYS D 63 47.02 18.47 -12.90
N THR D 64 47.72 17.54 -12.25
CA THR D 64 49.19 17.52 -12.24
C THR D 64 49.74 17.26 -13.65
N GLU D 65 50.97 17.70 -13.87
CA GLU D 65 51.50 17.76 -15.22
C GLU D 65 52.18 16.45 -15.62
N SER D 66 51.98 16.09 -16.87
CA SER D 66 52.57 14.90 -17.46
C SER D 66 53.90 14.52 -16.81
N ASP D 67 54.81 15.50 -16.76
CA ASP D 67 56.19 15.30 -16.33
C ASP D 67 56.33 14.69 -14.93
N LEU D 68 55.58 15.22 -13.97
CA LEU D 68 55.77 14.91 -12.56
C LEU D 68 54.85 13.80 -12.01
N LEU D 69 54.11 13.13 -12.89
CA LEU D 69 53.13 12.12 -12.47
C LEU D 69 53.75 10.87 -11.81
N PRO D 70 54.90 10.40 -12.32
CA PRO D 70 55.57 9.25 -11.68
C PRO D 70 55.78 9.41 -10.18
N CYS D 71 56.24 10.59 -9.77
CA CYS D 71 56.49 10.91 -8.36
C CYS D 71 55.22 11.10 -7.57
N LYS D 72 54.29 11.87 -8.15
CA LYS D 72 52.99 12.10 -7.53
C LYS D 72 52.26 10.76 -7.34
N ALA D 73 52.31 9.90 -8.36
CA ALA D 73 51.68 8.57 -8.25
C ALA D 73 52.29 7.73 -7.13
N GLU D 74 53.63 7.68 -7.07
CA GLU D 74 54.31 6.90 -6.03
C GLU D 74 53.98 7.43 -4.65
N GLU D 75 53.99 8.75 -4.53
CA GLU D 75 53.67 9.44 -3.27
C GLU D 75 52.29 9.06 -2.72
N ILE D 76 51.29 9.10 -3.60
CA ILE D 76 49.91 8.82 -3.24
C ILE D 76 49.71 7.35 -2.94
N TYR D 77 50.36 6.50 -3.73
CA TYR D 77 50.34 5.07 -3.47
C TYR D 77 50.86 4.76 -2.06
N LYS D 78 52.01 5.34 -1.70
CA LYS D 78 52.63 5.10 -0.40
C LYS D 78 51.81 5.66 0.73
N ALA D 79 51.23 6.84 0.51
CA ALA D 79 50.53 7.55 1.56
C ALA D 79 49.16 6.94 1.85
N PHE D 80 48.49 6.43 0.81
CA PHE D 80 47.10 5.95 0.93
C PHE D 80 46.78 4.52 0.51
N VAL D 81 47.44 4.00 -0.53
CA VAL D 81 47.02 2.73 -1.12
C VAL D 81 47.70 1.50 -0.55
N HIS D 82 49.02 1.56 -0.38
CA HIS D 82 49.83 0.42 0.08
C HIS D 82 49.31 -0.17 1.40
N SER D 83 49.44 -1.48 1.57
CA SER D 83 49.11 -2.20 2.81
C SER D 83 49.49 -1.48 4.11
N ASP D 84 50.67 -0.86 4.08
CA ASP D 84 51.25 -0.26 5.28
C ASP D 84 51.09 1.25 5.34
N ALA D 85 50.36 1.85 4.39
CA ALA D 85 50.11 3.27 4.39
C ALA D 85 49.52 3.70 5.72
N ALA D 86 49.94 4.86 6.21
CA ALA D 86 49.44 5.37 7.49
C ALA D 86 48.00 5.84 7.36
N LYS D 87 47.60 6.26 6.16
CA LYS D 87 46.23 6.67 5.89
C LYS D 87 45.59 5.73 4.84
N GLN D 88 45.71 4.42 5.12
CA GLN D 88 45.34 3.37 4.15
C GLN D 88 43.85 3.38 3.90
N ILE D 89 43.48 3.53 2.65
CA ILE D 89 42.08 3.56 2.27
C ILE D 89 41.48 2.15 2.25
N ASN D 90 40.22 2.03 2.60
CA ASN D 90 39.53 0.74 2.64
C ASN D 90 39.09 0.30 1.23
N ILE D 91 39.98 -0.39 0.54
CA ILE D 91 39.69 -0.99 -0.77
C ILE D 91 40.16 -2.43 -0.82
N ASP D 92 39.53 -3.20 -1.70
CA ASP D 92 39.82 -4.61 -1.77
C ASP D 92 41.14 -4.91 -2.50
N PHE D 93 41.53 -6.18 -2.46
CA PHE D 93 42.74 -6.68 -3.06
C PHE D 93 42.83 -6.40 -4.58
N ARG D 94 41.80 -6.76 -5.34
CA ARG D 94 41.84 -6.58 -6.80
C ARG D 94 42.06 -5.13 -7.20
N THR D 95 41.46 -4.20 -6.45
CA THR D 95 41.58 -2.77 -6.74
C THR D 95 42.98 -2.24 -6.38
N ARG D 96 43.50 -2.73 -5.27
CA ARG D 96 44.83 -2.37 -4.80
C ARG D 96 45.93 -2.93 -5.70
N GLU D 97 45.74 -4.14 -6.20
CA GLU D 97 46.67 -4.75 -7.14
C GLU D 97 46.71 -4.04 -8.48
N SER D 98 45.53 -3.71 -9.01
CA SER D 98 45.48 -3.05 -10.31
C SER D 98 45.98 -1.60 -10.21
N THR D 99 45.82 -0.97 -9.04
CA THR D 99 46.45 0.32 -8.82
C THR D 99 47.98 0.16 -8.77
N ALA D 100 48.44 -0.82 -8.01
CA ALA D 100 49.86 -1.11 -7.90
C ALA D 100 50.56 -1.24 -9.27
N LYS D 101 49.96 -2.00 -10.19
CA LYS D 101 50.52 -2.20 -11.54
C LYS D 101 50.60 -0.90 -12.34
N LYS D 102 49.71 0.05 -12.07
CA LYS D 102 49.60 1.31 -12.81
C LYS D 102 50.58 2.39 -12.35
N ILE D 103 51.17 2.19 -11.17
CA ILE D 103 52.08 3.17 -10.57
C ILE D 103 53.41 3.25 -11.34
N LYS D 104 53.79 2.14 -11.96
CA LYS D 104 55.07 2.06 -12.69
C LYS D 104 55.13 3.01 -13.86
N ALA D 105 54.09 2.98 -14.70
CA ALA D 105 54.00 3.89 -15.86
C ALA D 105 52.67 4.63 -15.80
N PRO D 106 52.59 5.65 -14.94
CA PRO D 106 51.28 6.16 -14.59
C PRO D 106 50.78 7.21 -15.57
N THR D 107 49.49 7.11 -15.90
CA THR D 107 48.78 8.09 -16.71
C THR D 107 47.88 8.92 -15.77
N PRO D 108 47.22 9.97 -16.30
CA PRO D 108 46.33 10.81 -15.49
C PRO D 108 45.12 10.11 -14.86
N THR D 109 44.63 9.02 -15.46
CA THR D 109 43.50 8.29 -14.89
C THR D 109 43.90 7.16 -13.93
N CYS D 110 45.17 7.16 -13.51
CA CYS D 110 45.75 6.06 -12.76
C CYS D 110 44.91 5.62 -11.57
N PHE D 111 44.43 6.59 -10.80
CA PHE D 111 43.72 6.29 -9.54
C PHE D 111 42.20 6.33 -9.68
N ASP D 112 41.68 6.51 -10.89
CA ASP D 112 40.21 6.54 -11.09
C ASP D 112 39.50 5.37 -10.40
N GLU D 113 40.01 4.17 -10.59
CA GLU D 113 39.40 2.97 -10.01
C GLU D 113 39.26 3.07 -8.49
N ALA D 114 40.36 3.37 -7.83
CA ALA D 114 40.34 3.48 -6.38
C ALA D 114 39.53 4.70 -5.94
N GLN D 115 39.61 5.78 -6.71
CA GLN D 115 38.84 6.97 -6.38
C GLN D 115 37.33 6.67 -6.39
N LYS D 116 36.86 5.95 -7.40
CA LYS D 116 35.45 5.62 -7.48
C LYS D 116 35.00 4.83 -6.25
N VAL D 117 35.78 3.84 -5.86
CA VAL D 117 35.45 3.00 -4.70
C VAL D 117 35.42 3.79 -3.39
N ILE D 118 36.31 4.76 -3.24
CA ILE D 118 36.31 5.59 -2.03
C ILE D 118 35.21 6.65 -2.08
N TYR D 119 34.84 7.13 -3.25
CA TYR D 119 33.66 7.97 -3.38
C TYR D 119 32.39 7.24 -2.98
N THR D 120 32.21 6.04 -3.55
CA THR D 120 31.05 5.19 -3.26
C THR D 120 30.97 4.86 -1.77
N LEU D 121 32.12 4.63 -1.15
CA LEU D 121 32.19 4.32 0.29
C LEU D 121 31.79 5.53 1.11
N MET D 122 32.28 6.71 0.74
CA MET D 122 31.89 7.95 1.41
C MET D 122 30.42 8.21 1.14
N GLU D 123 30.00 8.03 -0.11
CA GLU D 123 28.64 8.35 -0.52
C GLU D 123 27.61 7.48 0.18
N LYS D 124 27.87 6.17 0.28
CA LYS D 124 26.91 5.22 0.82
C LYS D 124 26.90 5.13 2.36
N ASP D 125 28.03 5.35 3.02
CA ASP D 125 28.14 5.18 4.49
C ASP D 125 28.21 6.51 5.27
N SER D 126 29.26 7.29 5.00
CA SER D 126 29.59 8.48 5.79
C SER D 126 28.60 9.65 5.51
N TYR D 127 28.24 9.82 4.25
CA TYR D 127 27.45 10.97 3.80
C TYR D 127 26.01 10.98 4.34
N PRO D 128 25.31 9.83 4.29
CA PRO D 128 23.96 9.85 4.87
C PRO D 128 23.94 10.25 6.34
N ARG D 129 25.00 9.89 7.07
CA ARG D 129 25.13 10.22 8.48
C ARG D 129 25.49 11.70 8.68
N PHE D 130 26.45 12.19 7.89
CA PHE D 130 26.78 13.62 7.85
C PHE D 130 25.51 14.48 7.86
N LEU D 131 24.58 14.16 6.96
CA LEU D 131 23.33 14.93 6.80
C LEU D 131 22.45 14.93 8.05
N LYS D 132 22.70 14.02 8.98
CA LYS D 132 21.93 13.95 10.23
C LYS D 132 22.77 14.40 11.45
N SER D 133 23.94 15.00 11.22
CA SER D 133 24.87 15.30 12.30
C SER D 133 24.76 16.73 12.81
N ASP D 134 25.21 16.96 14.04
CA ASP D 134 25.25 18.31 14.63
C ASP D 134 25.98 19.31 13.74
N ILE D 135 27.15 18.91 13.24
CA ILE D 135 27.97 19.78 12.41
C ILE D 135 27.14 20.40 11.29
N TYR D 136 26.55 19.55 10.45
CA TYR D 136 25.68 20.00 9.36
C TYR D 136 24.43 20.75 9.86
N LEU D 137 23.69 20.16 10.79
CA LEU D 137 22.44 20.77 11.26
C LEU D 137 22.66 22.12 11.93
N ASN D 138 23.71 22.23 12.75
CA ASN D 138 24.06 23.50 13.40
C ASN D 138 24.46 24.57 12.39
N LEU D 139 25.15 24.15 11.33
CA LEU D 139 25.53 25.08 10.27
C LEU D 139 24.25 25.56 9.56
N LEU D 140 23.44 24.61 9.10
CA LEU D 140 22.19 24.92 8.40
C LEU D 140 21.28 25.84 9.21
N ASN D 141 21.04 25.46 10.47
CA ASN D 141 20.06 26.18 11.28
C ASN D 141 20.50 27.56 11.75
N ASP D 142 21.81 27.75 11.91
CA ASP D 142 22.35 29.04 12.33
C ASP D 142 22.30 30.10 11.22
N LEU D 143 22.15 29.68 9.96
CA LEU D 143 22.08 30.62 8.83
C LEU D 143 20.66 31.08 8.48
N GLN D 144 19.65 30.59 9.21
CA GLN D 144 18.24 30.90 8.91
C GLN D 144 17.61 31.73 10.02
#